data_5UPR
#
_entry.id   5UPR
#
_cell.length_a   56.368
_cell.length_b   115.533
_cell.length_c   78.719
_cell.angle_alpha   90.00
_cell.angle_beta   90.02
_cell.angle_gamma   90.00
#
_symmetry.space_group_name_H-M   'P 1 21 1'
#
loop_
_entity.id
_entity.type
_entity.pdbx_description
1 polymer 'Triosephosphate isomerase'
2 non-polymer 'SULFATE ION'
3 non-polymer 'CHLORIDE ION'
4 water water
#
_entity_poly.entity_id   1
_entity_poly.type   'polypeptide(L)'
_entity_poly.pdbx_seq_one_letter_code
;ASALWAARRGFVGGNWKCNGTTAKTQELVD(MSE)LNSAPVSFEQVDVVVAPPSLFISQVQDSLRQPRVQVAAQDSSTQQ
AYGAFTGELSPK(MSE)IKEKNIPWVVLGHSERRAGFGGQPGESNQVVAKKVRAALNEGLSVILCIGETLEERESGQTQK
VLSEQLEAVRQAVPEADAWKSIVIAYEPVWAIGTGKTATAALAQETHRDIRNWLAQAVSPKVAEATRVIYGGSVKGSNAK
ELFEGEDVDGFLVGGASLTGDFVSIIDAAKQQA
;
_entity_poly.pdbx_strand_id   A,B,C,D
#
loop_
_chem_comp.id
_chem_comp.type
_chem_comp.name
_chem_comp.formula
CL non-polymer 'CHLORIDE ION' 'Cl -1'
SO4 non-polymer 'SULFATE ION' 'O4 S -2'
#
# COMPACT_ATOMS: atom_id res chain seq x y z
N ALA A 3 22.56 13.78 26.43
CA ALA A 3 21.30 13.76 27.20
C ALA A 3 21.06 15.19 27.63
N LEU A 4 19.84 15.49 27.96
CA LEU A 4 19.47 16.76 28.55
C LEU A 4 19.43 16.69 30.10
N TRP A 5 18.85 15.63 30.63
CA TRP A 5 18.61 15.50 32.08
C TRP A 5 19.19 14.20 32.63
N ALA A 6 19.44 14.25 33.95
CA ALA A 6 19.96 13.14 34.79
C ALA A 6 18.97 12.96 35.92
N ALA A 7 18.14 11.93 35.78
CA ALA A 7 17.09 11.71 36.74
C ALA A 7 16.75 10.23 36.53
N ARG A 8 16.25 9.61 37.57
CA ARG A 8 15.89 8.22 37.52
C ARG A 8 14.56 8.12 36.81
N ARG A 9 14.56 7.32 35.78
CA ARG A 9 13.36 7.05 35.01
C ARG A 9 12.38 6.21 35.86
N GLY A 10 11.12 6.60 35.86
CA GLY A 10 10.04 5.87 36.56
C GLY A 10 9.95 4.43 36.07
N PHE A 11 9.52 3.54 36.97
CA PHE A 11 9.47 2.12 36.66
C PHE A 11 8.23 1.50 37.22
N VAL A 12 7.48 0.77 36.40
CA VAL A 12 6.32 0.03 36.92
C VAL A 12 6.42 -1.42 36.47
N GLY A 13 6.53 -2.36 37.43
CA GLY A 13 6.50 -3.79 37.14
C GLY A 13 5.15 -4.37 37.46
N GLY A 14 4.72 -5.34 36.67
CA GLY A 14 3.46 -6.06 36.90
C GLY A 14 3.77 -7.52 37.11
N ASN A 15 3.61 -8.04 38.34
CA ASN A 15 3.89 -9.40 38.66
C ASN A 15 2.52 -10.14 38.64
N TRP A 16 2.31 -10.94 37.62
CA TRP A 16 1.02 -11.66 37.44
C TRP A 16 0.92 -12.84 38.39
N LYS A 17 2.04 -13.23 39.01
CA LYS A 17 2.09 -14.38 39.89
C LYS A 17 1.51 -15.63 39.19
N CYS A 18 0.88 -16.54 39.93
CA CYS A 18 0.41 -17.83 39.37
C CYS A 18 -1.03 -17.66 38.91
N ASN A 19 -1.14 -16.83 37.89
CA ASN A 19 -2.42 -16.45 37.24
C ASN A 19 -2.14 -16.35 35.76
N GLY A 20 -2.98 -16.92 34.94
CA GLY A 20 -2.80 -16.85 33.50
C GLY A 20 -3.42 -18.02 32.78
N THR A 21 -4.05 -17.71 31.65
CA THR A 21 -4.43 -18.65 30.61
C THR A 21 -4.10 -18.02 29.25
N THR A 22 -4.25 -18.80 28.20
CA THR A 22 -3.93 -18.29 26.85
C THR A 22 -4.83 -17.05 26.55
N ALA A 23 -6.11 -17.14 26.88
CA ALA A 23 -7.03 -16.04 26.60
C ALA A 23 -6.81 -14.84 27.49
N LYS A 24 -6.54 -15.06 28.77
CA LYS A 24 -6.31 -13.92 29.70
C LYS A 24 -4.98 -13.22 29.35
N THR A 25 -3.99 -13.99 28.89
CA THR A 25 -2.75 -13.42 28.41
C THR A 25 -3.02 -12.48 27.21
N GLN A 26 -3.84 -12.95 26.29
CA GLN A 26 -4.19 -12.19 25.07
C GLN A 26 -4.91 -10.90 25.49
N GLU A 27 -5.85 -11.01 26.39
CA GLU A 27 -6.54 -9.84 26.92
C GLU A 27 -5.61 -8.80 27.55
N LEU A 28 -4.69 -9.27 28.40
CA LEU A 28 -3.73 -8.34 29.02
C LEU A 28 -2.82 -7.68 27.99
N VAL A 29 -2.37 -8.45 27.00
CA VAL A 29 -1.51 -7.91 25.96
C VAL A 29 -2.31 -6.85 25.14
N ASP A 30 -3.55 -7.18 24.79
CA ASP A 30 -4.43 -6.23 24.07
C ASP A 30 -4.64 -4.93 24.89
N MSE A 31 -4.83 -5.05 26.20
CA MSE A 31 -4.95 -3.87 27.06
C MSE A 31 -3.69 -3.04 27.00
O MSE A 31 -3.77 -1.83 26.91
CB MSE A 31 -5.15 -4.28 28.52
CG MSE A 31 -5.34 -3.12 29.49
SE MSE A 31 -5.07 -3.87 31.28
CE MSE A 31 -3.14 -3.96 31.13
N LEU A 32 -2.52 -3.67 27.03
CA LEU A 32 -1.26 -2.91 27.04
C LEU A 32 -1.03 -2.24 25.67
N ASN A 33 -1.36 -2.97 24.59
CA ASN A 33 -1.22 -2.44 23.22
C ASN A 33 -2.18 -1.27 22.91
N SER A 34 -3.38 -1.28 23.44
CA SER A 34 -4.36 -0.23 23.17
C SER A 34 -4.40 0.86 24.27
N ALA A 35 -3.57 0.77 25.31
CA ALA A 35 -3.74 1.68 26.46
C ALA A 35 -3.61 3.09 25.96
N PRO A 36 -4.57 3.96 26.26
CA PRO A 36 -4.49 5.30 25.67
C PRO A 36 -3.78 6.28 26.59
N VAL A 37 -2.68 5.84 27.17
CA VAL A 37 -1.85 6.59 28.07
C VAL A 37 -0.48 6.39 27.44
N SER A 38 0.34 7.43 27.44
CA SER A 38 1.69 7.29 26.90
C SER A 38 2.55 6.64 27.95
N PHE A 39 3.39 5.70 27.56
CA PHE A 39 4.37 5.08 28.44
C PHE A 39 5.73 5.71 28.18
N GLU A 40 5.82 6.85 27.51
CA GLU A 40 7.15 7.43 27.16
C GLU A 40 8.08 7.68 28.37
N GLN A 41 7.54 8.15 29.48
CA GLN A 41 8.33 8.53 30.63
C GLN A 41 8.61 7.40 31.66
N VAL A 42 8.15 6.18 31.38
CA VAL A 42 8.12 5.09 32.34
C VAL A 42 8.59 3.80 31.66
N ASP A 43 9.53 3.11 32.30
CA ASP A 43 9.85 1.72 31.93
C ASP A 43 8.74 0.84 32.53
N VAL A 44 8.05 0.10 31.68
CA VAL A 44 7.05 -0.83 32.10
C VAL A 44 7.56 -2.27 31.87
N VAL A 45 7.46 -3.11 32.92
CA VAL A 45 7.85 -4.52 32.77
C VAL A 45 6.70 -5.41 33.26
N VAL A 46 6.34 -6.44 32.50
CA VAL A 46 5.32 -7.41 32.93
C VAL A 46 5.95 -8.82 33.06
N ALA A 47 5.59 -9.51 34.14
CA ALA A 47 6.08 -10.80 34.44
C ALA A 47 4.94 -11.88 34.42
N PRO A 48 4.65 -12.44 33.24
CA PRO A 48 3.72 -13.56 33.12
C PRO A 48 4.30 -14.84 33.67
N PRO A 49 3.47 -15.85 33.94
CA PRO A 49 4.01 -17.18 34.25
C PRO A 49 4.81 -17.65 33.02
N SER A 50 5.83 -18.46 33.27
CA SER A 50 6.80 -18.78 32.24
C SER A 50 6.18 -19.42 30.99
N LEU A 51 5.09 -20.15 31.17
CA LEU A 51 4.35 -20.81 30.08
C LEU A 51 3.86 -19.86 28.98
N PHE A 52 3.57 -18.60 29.35
CA PHE A 52 2.96 -17.58 28.51
C PHE A 52 3.93 -16.47 28.02
N ILE A 53 5.19 -16.51 28.44
CA ILE A 53 6.12 -15.43 28.04
C ILE A 53 6.28 -15.33 26.53
N SER A 54 6.43 -16.48 25.83
CA SER A 54 6.62 -16.37 24.37
C SER A 54 5.45 -15.77 23.62
N GLN A 55 4.24 -16.06 24.09
CA GLN A 55 3.01 -15.49 23.52
C GLN A 55 2.98 -13.95 23.71
N VAL A 56 3.39 -13.51 24.90
CA VAL A 56 3.46 -12.07 25.16
C VAL A 56 4.51 -11.43 24.24
N GLN A 57 5.70 -12.06 24.15
CA GLN A 57 6.77 -11.56 23.25
C GLN A 57 6.30 -11.48 21.79
N ASP A 58 5.49 -12.44 21.34
CA ASP A 58 5.02 -12.43 19.97
C ASP A 58 3.98 -11.40 19.62
N SER A 59 3.11 -11.03 20.57
CA SER A 59 1.99 -10.13 20.30
C SER A 59 2.12 -8.72 20.89
N LEU A 60 3.08 -8.48 21.78
CA LEU A 60 3.22 -7.17 22.37
C LEU A 60 3.85 -6.24 21.36
N ARG A 61 3.25 -5.05 21.19
CA ARG A 61 3.54 -4.07 20.09
C ARG A 61 3.81 -2.68 20.71
N GLN A 62 4.33 -2.65 21.92
CA GLN A 62 4.74 -1.45 22.62
C GLN A 62 6.18 -1.79 22.90
N PRO A 63 7.17 -1.12 22.21
CA PRO A 63 8.60 -1.34 22.60
C PRO A 63 8.86 -0.98 24.06
N ARG A 64 8.15 0.02 24.54
CA ARG A 64 8.31 0.48 25.92
C ARG A 64 7.88 -0.51 26.98
N VAL A 65 7.11 -1.56 26.63
CA VAL A 65 6.83 -2.67 27.57
C VAL A 65 7.77 -3.84 27.31
N GLN A 66 8.44 -4.30 28.34
CA GLN A 66 9.36 -5.41 28.27
C GLN A 66 8.80 -6.55 29.11
N VAL A 67 9.32 -7.75 28.85
CA VAL A 67 8.82 -8.95 29.56
C VAL A 67 9.86 -9.43 30.57
N ALA A 68 9.38 -10.09 31.61
CA ALA A 68 10.20 -10.69 32.66
C ALA A 68 9.77 -12.11 33.01
N ALA A 69 10.72 -12.92 33.48
CA ALA A 69 10.34 -14.13 34.18
C ALA A 69 10.17 -13.80 35.66
N GLN A 70 9.38 -14.63 36.37
CA GLN A 70 9.12 -14.48 37.82
C GLN A 70 10.18 -15.08 38.75
N ASP A 71 11.21 -15.74 38.17
CA ASP A 71 12.28 -16.39 38.94
C ASP A 71 13.32 -16.76 37.92
N SER A 72 14.52 -17.07 38.43
CA SER A 72 15.65 -17.48 37.59
C SER A 72 16.56 -18.39 38.43
N SER A 73 17.10 -19.47 37.86
CA SER A 73 17.78 -20.49 38.65
C SER A 73 19.13 -19.98 39.28
N THR A 74 19.49 -20.61 40.42
CA THR A 74 20.83 -20.56 40.93
C THR A 74 21.85 -21.13 39.92
N GLN A 75 21.36 -22.00 39.05
CA GLN A 75 22.23 -22.69 38.06
C GLN A 75 22.29 -21.78 36.85
N GLN A 76 23.48 -21.30 36.53
CA GLN A 76 23.62 -20.18 35.63
C GLN A 76 23.41 -20.49 34.15
N ALA A 77 23.84 -21.66 33.71
CA ALA A 77 23.99 -21.96 32.28
C ALA A 77 23.01 -23.12 31.90
N TYR A 78 23.25 -23.84 30.82
CA TYR A 78 22.43 -25.01 30.44
C TYR A 78 23.04 -26.27 31.11
N GLY A 79 22.18 -27.21 31.44
CA GLY A 79 22.57 -28.51 31.93
C GLY A 79 21.46 -29.26 32.63
N ALA A 80 21.86 -30.12 33.56
CA ALA A 80 20.96 -31.17 34.08
C ALA A 80 20.21 -30.65 35.35
N PHE A 81 19.32 -29.69 35.12
CA PHE A 81 18.62 -28.99 36.13
C PHE A 81 17.12 -29.04 35.81
N THR A 82 16.53 -30.20 36.05
CA THR A 82 15.16 -30.49 35.71
C THR A 82 14.21 -29.51 36.39
N GLY A 83 13.36 -28.83 35.58
CA GLY A 83 12.39 -27.90 36.17
C GLY A 83 12.89 -26.48 36.46
N GLU A 84 14.15 -26.21 36.14
CA GLU A 84 14.79 -24.92 36.31
C GLU A 84 14.92 -24.22 34.92
N LEU A 85 14.67 -22.89 34.91
CA LEU A 85 15.02 -22.00 33.83
C LEU A 85 16.26 -21.18 34.30
N SER A 86 17.38 -21.43 33.63
CA SER A 86 18.62 -20.70 33.92
C SER A 86 18.61 -19.29 33.31
N PRO A 87 19.44 -18.38 33.90
CA PRO A 87 19.47 -17.04 33.34
C PRO A 87 20.00 -17.05 31.91
N LYS A 88 20.89 -17.96 31.58
CA LYS A 88 21.42 -18.02 30.21
C LYS A 88 20.30 -18.37 29.26
N MSE A 89 19.44 -19.33 29.63
CA MSE A 89 18.29 -19.71 28.78
C MSE A 89 17.35 -18.53 28.58
O MSE A 89 16.85 -18.27 27.45
CB MSE A 89 17.55 -20.87 29.47
CG MSE A 89 16.37 -21.32 28.65
SE MSE A 89 15.33 -22.67 29.57
CE MSE A 89 16.50 -24.20 29.24
N ILE A 90 17.07 -17.83 29.70
CA ILE A 90 16.11 -16.74 29.71
C ILE A 90 16.66 -15.63 28.77
N LYS A 91 17.93 -15.29 28.93
CA LYS A 91 18.53 -14.25 28.09
C LYS A 91 18.54 -14.62 26.61
N GLU A 92 18.92 -15.86 26.28
CA GLU A 92 18.94 -16.31 24.90
C GLU A 92 17.53 -16.40 24.29
N LYS A 93 16.49 -16.50 25.09
CA LYS A 93 15.11 -16.41 24.61
C LYS A 93 14.67 -14.91 24.49
N ASN A 94 15.62 -13.96 24.62
CA ASN A 94 15.32 -12.51 24.52
C ASN A 94 14.38 -11.94 25.58
N ILE A 95 14.40 -12.51 26.76
CA ILE A 95 13.69 -12.01 27.90
C ILE A 95 14.68 -11.13 28.66
N PRO A 96 14.39 -9.79 28.78
CA PRO A 96 15.44 -8.93 29.37
C PRO A 96 15.44 -8.81 30.89
N TRP A 97 14.36 -9.22 31.58
CA TRP A 97 14.22 -9.01 33.00
C TRP A 97 13.87 -10.29 33.74
N VAL A 98 14.27 -10.33 35.01
CA VAL A 98 13.80 -11.33 35.94
C VAL A 98 13.45 -10.70 37.31
N VAL A 99 12.44 -11.28 37.97
CA VAL A 99 12.11 -10.97 39.35
C VAL A 99 12.80 -11.97 40.24
N LEU A 100 13.56 -11.49 41.25
CA LEU A 100 14.28 -12.41 42.17
C LEU A 100 14.04 -12.04 43.61
N GLY A 101 13.98 -13.03 44.45
CA GLY A 101 13.72 -12.85 45.86
C GLY A 101 12.39 -12.34 46.35
N HIS A 102 11.33 -12.55 45.55
CA HIS A 102 10.01 -12.26 46.01
C HIS A 102 9.74 -12.92 47.35
N SER A 103 9.03 -12.26 48.23
CA SER A 103 8.78 -12.84 49.56
C SER A 103 8.05 -14.18 49.51
N GLU A 104 7.23 -14.37 48.50
CA GLU A 104 6.55 -15.69 48.36
C GLU A 104 7.60 -16.82 48.12
N ARG A 105 8.67 -16.54 47.38
CA ARG A 105 9.72 -17.53 47.11
C ARG A 105 10.70 -17.60 48.27
N ARG A 106 10.93 -16.49 49.01
CA ARG A 106 11.74 -16.56 50.23
C ARG A 106 11.05 -17.42 51.29
N ALA A 107 9.72 -17.40 51.35
CA ALA A 107 9.01 -18.19 52.36
C ALA A 107 8.91 -19.66 51.97
N GLY A 108 8.82 -19.94 50.69
CA GLY A 108 8.73 -21.29 50.19
C GLY A 108 7.27 -21.77 50.14
N PHE A 109 7.07 -22.92 49.52
CA PHE A 109 5.79 -23.47 49.18
C PHE A 109 5.60 -24.91 49.62
N GLY A 110 4.44 -25.17 50.23
CA GLY A 110 3.97 -26.53 50.50
C GLY A 110 4.86 -27.33 51.45
N GLY A 111 5.63 -26.66 52.29
CA GLY A 111 6.56 -27.37 53.17
C GLY A 111 8.01 -27.43 52.69
N GLN A 112 8.27 -27.07 51.43
CA GLN A 112 9.65 -27.01 50.98
C GLN A 112 10.25 -25.71 51.52
N PRO A 113 11.45 -25.73 52.07
CA PRO A 113 12.06 -24.48 52.47
C PRO A 113 12.19 -23.51 51.30
N GLY A 114 12.07 -22.22 51.59
CA GLY A 114 12.24 -21.18 50.59
C GLY A 114 13.71 -20.79 50.40
N GLU A 115 13.87 -19.70 49.65
CA GLU A 115 15.19 -19.17 49.26
C GLU A 115 15.72 -18.27 50.35
N SER A 116 16.88 -18.60 50.91
CA SER A 116 17.56 -17.74 51.86
C SER A 116 18.12 -16.49 51.22
N ASN A 117 18.60 -15.55 52.06
CA ASN A 117 19.29 -14.37 51.56
C ASN A 117 20.41 -14.79 50.63
N GLN A 118 21.14 -15.84 51.01
CA GLN A 118 22.29 -16.32 50.23
C GLN A 118 21.90 -16.92 48.87
N VAL A 119 20.81 -17.69 48.85
CA VAL A 119 20.29 -18.26 47.60
C VAL A 119 19.79 -17.19 46.64
N VAL A 120 19.08 -16.20 47.18
CA VAL A 120 18.64 -15.07 46.34
C VAL A 120 19.86 -14.39 45.73
N ALA A 121 20.87 -14.15 46.57
CA ALA A 121 22.07 -13.48 46.09
C ALA A 121 22.76 -14.26 44.96
N LYS A 122 22.85 -15.59 45.13
CA LYS A 122 23.42 -16.43 44.08
C LYS A 122 22.61 -16.33 42.78
N LYS A 123 21.28 -16.31 42.89
CA LYS A 123 20.46 -16.13 41.68
C LYS A 123 20.77 -14.76 41.03
N VAL A 124 20.90 -13.71 41.83
CA VAL A 124 21.12 -12.36 41.31
C VAL A 124 22.45 -12.32 40.52
N ARG A 125 23.51 -12.82 41.15
CA ARG A 125 24.83 -12.85 40.51
C ARG A 125 24.79 -13.61 39.16
N ALA A 126 24.15 -14.77 39.15
CA ALA A 126 24.06 -15.59 37.95
C ALA A 126 23.32 -14.86 36.84
N ALA A 127 22.23 -14.17 37.21
CA ALA A 127 21.41 -13.42 36.26
C ALA A 127 22.20 -12.26 35.64
N LEU A 128 22.86 -11.49 36.52
CA LEU A 128 23.67 -10.35 36.03
C LEU A 128 24.84 -10.82 35.18
N ASN A 129 25.51 -11.90 35.59
CA ASN A 129 26.58 -12.51 34.76
C ASN A 129 26.10 -12.82 33.34
N GLU A 130 24.84 -13.20 33.16
CA GLU A 130 24.33 -13.51 31.81
C GLU A 130 23.66 -12.33 31.11
N GLY A 131 23.88 -11.10 31.59
CA GLY A 131 23.32 -9.92 30.92
C GLY A 131 21.83 -9.60 31.20
N LEU A 132 21.21 -10.23 32.20
CA LEU A 132 19.85 -9.85 32.54
C LEU A 132 19.80 -8.64 33.43
N SER A 133 18.68 -7.90 33.37
CA SER A 133 18.30 -6.97 34.44
C SER A 133 17.38 -7.65 35.47
N VAL A 134 17.48 -7.20 36.72
CA VAL A 134 16.89 -7.89 37.87
C VAL A 134 16.03 -6.93 38.68
N ILE A 135 14.81 -7.31 38.96
CA ILE A 135 13.99 -6.68 39.98
C ILE A 135 14.24 -7.46 41.27
N LEU A 136 15.07 -6.91 42.15
CA LEU A 136 15.43 -7.54 43.40
C LEU A 136 14.46 -7.15 44.53
N CYS A 137 13.73 -8.14 45.06
CA CYS A 137 12.73 -7.91 46.09
C CYS A 137 13.31 -8.05 47.51
N ILE A 138 13.00 -7.11 48.37
CA ILE A 138 13.38 -7.15 49.82
C ILE A 138 12.20 -6.66 50.62
N GLY A 139 12.20 -6.88 51.92
CA GLY A 139 11.10 -6.41 52.76
C GLY A 139 11.06 -7.10 54.11
N GLU A 140 10.56 -6.40 55.12
CA GLU A 140 10.50 -6.88 56.46
C GLU A 140 9.09 -7.40 56.82
N THR A 141 9.04 -8.21 57.89
CA THR A 141 7.81 -8.76 58.39
C THR A 141 7.14 -7.74 59.30
N LEU A 142 5.86 -8.01 59.63
CA LEU A 142 5.13 -7.13 60.55
C LEU A 142 5.86 -7.08 61.90
N GLU A 143 6.28 -8.22 62.41
CA GLU A 143 7.00 -8.28 63.69
C GLU A 143 8.28 -7.46 63.65
N GLU A 144 9.05 -7.59 62.58
CA GLU A 144 10.30 -6.83 62.39
C GLU A 144 10.01 -5.33 62.36
N ARG A 145 8.95 -4.93 61.68
CA ARG A 145 8.57 -3.52 61.62
C ARG A 145 8.23 -2.97 63.01
N GLU A 146 7.36 -3.67 63.72
CA GLU A 146 6.84 -3.21 65.02
C GLU A 146 7.90 -3.25 66.13
N SER A 147 8.91 -4.08 65.99
CA SER A 147 10.01 -4.10 66.95
C SER A 147 11.23 -3.20 66.56
N GLY A 148 11.04 -2.30 65.59
CA GLY A 148 12.08 -1.36 65.14
C GLY A 148 13.26 -1.93 64.35
N GLN A 149 13.11 -3.10 63.71
CA GLN A 149 14.26 -3.76 63.04
C GLN A 149 14.39 -3.55 61.51
N THR A 150 13.51 -2.72 60.93
CA THR A 150 13.39 -2.67 59.43
C THR A 150 14.75 -2.36 58.79
N GLN A 151 15.44 -1.34 59.27
CA GLN A 151 16.72 -0.97 58.63
C GLN A 151 17.77 -2.08 58.76
N LYS A 152 17.83 -2.73 59.93
CA LYS A 152 18.74 -3.86 60.13
C LYS A 152 18.44 -5.00 59.17
N VAL A 153 17.16 -5.36 59.06
CA VAL A 153 16.71 -6.47 58.21
C VAL A 153 16.99 -6.17 56.73
N LEU A 154 16.62 -5.00 56.26
CA LEU A 154 16.82 -4.68 54.84
C LEU A 154 18.32 -4.63 54.53
N SER A 155 19.14 -4.09 55.46
CA SER A 155 20.56 -4.15 55.28
C SER A 155 21.11 -5.59 55.12
N GLU A 156 20.64 -6.51 55.95
CA GLU A 156 21.08 -7.95 55.90
C GLU A 156 20.69 -8.56 54.53
N GLN A 157 19.48 -8.28 54.06
CA GLN A 157 19.05 -8.79 52.76
C GLN A 157 19.88 -8.26 51.60
N LEU A 158 20.15 -6.97 51.63
CA LEU A 158 20.96 -6.33 50.59
C LEU A 158 22.44 -6.68 50.71
N GLU A 159 22.97 -6.77 51.93
CA GLU A 159 24.40 -7.14 52.15
C GLU A 159 24.70 -8.57 51.59
N ALA A 160 23.77 -9.54 51.72
CA ALA A 160 23.97 -10.82 51.12
C ALA A 160 24.16 -10.70 49.60
N VAL A 161 23.37 -9.83 48.97
CA VAL A 161 23.49 -9.60 47.55
C VAL A 161 24.81 -8.94 47.19
N ARG A 162 25.23 -7.96 47.97
CA ARG A 162 26.54 -7.30 47.77
C ARG A 162 27.71 -8.29 47.90
N GLN A 163 27.63 -9.25 48.84
CA GLN A 163 28.73 -10.26 48.98
C GLN A 163 28.88 -11.09 47.73
N ALA A 164 27.76 -11.43 47.10
CA ALA A 164 27.75 -12.17 45.84
C ALA A 164 28.02 -11.28 44.61
N VAL A 165 27.67 -10.01 44.68
CA VAL A 165 27.91 -9.06 43.61
C VAL A 165 28.71 -7.86 44.20
N PRO A 166 30.01 -8.06 44.49
CA PRO A 166 30.78 -6.97 45.07
C PRO A 166 31.18 -5.87 44.05
N GLU A 167 31.09 -6.12 42.77
CA GLU A 167 31.45 -5.11 41.77
C GLU A 167 30.32 -4.11 41.58
N ALA A 168 30.65 -2.85 41.75
CA ALA A 168 29.62 -1.80 41.68
C ALA A 168 29.01 -1.67 40.26
N ASP A 169 29.81 -1.91 39.22
CA ASP A 169 29.30 -1.75 37.85
C ASP A 169 28.10 -2.69 37.57
N ALA A 170 28.09 -3.89 38.19
CA ALA A 170 27.04 -4.85 37.91
C ALA A 170 25.64 -4.35 38.36
N TRP A 171 25.66 -3.49 39.41
CA TRP A 171 24.46 -2.96 39.98
C TRP A 171 23.69 -2.01 39.05
N LYS A 172 24.30 -1.59 37.91
CA LYS A 172 23.57 -0.84 36.89
C LYS A 172 22.27 -1.44 36.42
N SER A 173 22.20 -2.76 36.42
CA SER A 173 21.02 -3.47 35.89
C SER A 173 20.13 -4.05 36.99
N ILE A 174 20.22 -3.49 38.20
CA ILE A 174 19.32 -3.80 39.33
C ILE A 174 18.33 -2.66 39.58
N VAL A 175 17.06 -3.06 39.80
CA VAL A 175 15.97 -2.24 40.36
C VAL A 175 15.60 -2.92 41.65
N ILE A 176 15.50 -2.18 42.74
CA ILE A 176 15.15 -2.75 44.04
C ILE A 176 13.64 -2.56 44.27
N ALA A 177 12.93 -3.63 44.60
CA ALA A 177 11.52 -3.55 44.93
C ALA A 177 11.37 -3.74 46.44
N TYR A 178 10.91 -2.69 47.10
CA TYR A 178 10.71 -2.73 48.54
C TYR A 178 9.26 -3.12 48.71
N GLU A 179 9.01 -4.35 49.19
CA GLU A 179 7.66 -4.80 49.47
C GLU A 179 7.57 -5.28 50.90
N PRO A 180 7.09 -4.45 51.82
CA PRO A 180 6.93 -4.99 53.14
C PRO A 180 6.00 -6.21 53.13
N VAL A 181 6.40 -7.26 53.85
CA VAL A 181 5.65 -8.51 53.77
C VAL A 181 4.21 -8.31 54.24
N TRP A 182 4.04 -7.46 55.26
CA TRP A 182 2.74 -7.12 55.81
C TRP A 182 1.80 -6.38 54.87
N ALA A 183 2.31 -5.80 53.78
CA ALA A 183 1.51 -5.18 52.71
C ALA A 183 1.11 -6.05 51.55
N ILE A 184 1.64 -7.29 51.48
CA ILE A 184 1.38 -8.13 50.36
C ILE A 184 0.07 -8.88 50.48
N GLY A 185 -0.92 -8.57 49.60
CA GLY A 185 -2.20 -9.27 49.62
C GLY A 185 -3.13 -8.94 50.76
N THR A 186 -2.77 -8.03 51.65
CA THR A 186 -3.51 -7.74 52.87
C THR A 186 -4.40 -6.51 52.78
N GLY A 187 -4.21 -5.69 51.74
CA GLY A 187 -4.85 -4.38 51.70
C GLY A 187 -4.17 -3.30 52.59
N LYS A 188 -3.11 -3.66 53.33
N LYS A 188 -3.11 -3.66 53.33
CA LYS A 188 -2.46 -2.71 54.22
CA LYS A 188 -2.46 -2.71 54.21
C LYS A 188 -1.33 -2.03 53.44
C LYS A 188 -1.32 -2.04 53.44
N THR A 189 -1.67 -1.11 52.56
CA THR A 189 -0.67 -0.31 51.82
C THR A 189 0.15 0.51 52.79
N ALA A 190 1.46 0.56 52.62
CA ALA A 190 2.28 1.54 53.34
C ALA A 190 1.73 2.96 53.16
N THR A 191 1.83 3.79 54.21
CA THR A 191 1.65 5.24 54.02
C THR A 191 2.70 5.78 53.07
N ALA A 192 2.40 6.89 52.42
CA ALA A 192 3.35 7.65 51.64
C ALA A 192 4.59 8.01 52.46
N ALA A 193 4.40 8.43 53.71
CA ALA A 193 5.53 8.78 54.61
C ALA A 193 6.41 7.56 54.92
N LEU A 194 5.82 6.42 55.26
CA LEU A 194 6.61 5.19 55.55
C LEU A 194 7.39 4.68 54.34
N ALA A 195 6.78 4.73 53.18
CA ALA A 195 7.44 4.32 51.94
C ALA A 195 8.62 5.23 51.67
N GLN A 196 8.42 6.53 51.70
CA GLN A 196 9.50 7.46 51.41
C GLN A 196 10.65 7.30 52.39
N GLU A 197 10.34 7.19 53.69
CA GLU A 197 11.36 7.00 54.73
C GLU A 197 12.24 5.74 54.46
N THR A 198 11.55 4.63 54.19
CA THR A 198 12.26 3.36 54.04
C THR A 198 13.04 3.35 52.73
N HIS A 199 12.47 3.93 51.67
CA HIS A 199 13.17 3.97 50.41
C HIS A 199 14.46 4.82 50.56
N ARG A 200 14.40 5.88 51.31
CA ARG A 200 15.60 6.69 51.56
C ARG A 200 16.66 5.92 52.38
N ASP A 201 16.25 5.09 53.35
CA ASP A 201 17.14 4.20 54.04
C ASP A 201 17.81 3.20 53.10
N ILE A 202 17.06 2.66 52.16
CA ILE A 202 17.57 1.75 51.17
C ILE A 202 18.60 2.48 50.29
N ARG A 203 18.29 3.69 49.90
CA ARG A 203 19.25 4.49 49.07
C ARG A 203 20.51 4.88 49.86
N ASN A 204 20.38 5.13 51.15
CA ASN A 204 21.54 5.43 52.01
C ASN A 204 22.36 4.15 52.14
N TRP A 205 21.72 2.98 52.18
CA TRP A 205 22.46 1.74 52.21
C TRP A 205 23.30 1.60 50.94
N LEU A 206 22.70 1.83 49.74
CA LEU A 206 23.43 1.74 48.48
C LEU A 206 24.66 2.65 48.52
N ALA A 207 24.49 3.87 49.02
CA ALA A 207 25.54 4.85 49.03
C ALA A 207 26.74 4.44 49.88
N GLN A 208 26.47 3.87 51.05
CA GLN A 208 27.54 3.45 52.04
C GLN A 208 28.17 2.13 51.64
N ALA A 209 27.36 1.14 51.19
CA ALA A 209 27.86 -0.22 50.95
C ALA A 209 28.38 -0.42 49.51
N VAL A 210 27.78 0.29 48.52
CA VAL A 210 28.22 0.15 47.15
C VAL A 210 28.92 1.45 46.71
N SER A 211 28.17 2.48 46.35
CA SER A 211 28.74 3.80 46.04
C SER A 211 27.65 4.86 45.91
N PRO A 212 28.00 6.11 46.12
CA PRO A 212 27.03 7.20 45.78
C PRO A 212 26.46 7.16 44.34
N LYS A 213 27.26 6.76 43.36
CA LYS A 213 26.74 6.70 41.99
C LYS A 213 25.63 5.64 41.85
N VAL A 214 25.84 4.46 42.43
CA VAL A 214 24.86 3.40 42.40
C VAL A 214 23.60 3.86 43.14
N ALA A 215 23.80 4.56 44.27
CA ALA A 215 22.67 5.07 45.04
C ALA A 215 21.79 6.01 44.23
N GLU A 216 22.40 6.92 43.48
N GLU A 216 22.40 6.92 43.48
CA GLU A 216 21.65 7.90 42.68
CA GLU A 216 21.67 7.91 42.68
C GLU A 216 20.96 7.30 41.47
C GLU A 216 20.96 7.30 41.47
N ALA A 217 21.54 6.25 40.86
CA ALA A 217 21.01 5.70 39.65
C ALA A 217 19.97 4.58 39.87
N THR A 218 20.00 3.89 41.02
CA THR A 218 19.22 2.68 41.16
C THR A 218 17.74 3.06 41.40
N ARG A 219 16.81 2.59 40.56
CA ARG A 219 15.40 2.74 40.90
C ARG A 219 15.02 1.88 42.14
N VAL A 220 14.34 2.48 43.08
CA VAL A 220 13.75 1.79 44.25
C VAL A 220 12.24 1.94 44.12
N ILE A 221 11.55 0.81 43.84
CA ILE A 221 10.11 0.81 43.62
C ILE A 221 9.34 0.17 44.80
N TYR A 222 8.12 0.63 45.03
CA TYR A 222 7.32 0.19 46.17
C TYR A 222 6.30 -0.87 45.68
N GLY A 223 6.12 -1.94 46.48
CA GLY A 223 5.00 -2.86 46.21
C GLY A 223 4.35 -3.28 47.51
N GLY A 224 3.13 -3.79 47.41
CA GLY A 224 2.35 -4.20 48.56
C GLY A 224 1.04 -3.42 48.58
N SER A 225 0.01 -4.03 47.97
CA SER A 225 -1.29 -3.45 47.91
C SER A 225 -1.31 -2.10 47.17
N VAL A 226 -0.62 -2.04 46.05
CA VAL A 226 -0.63 -0.83 45.22
C VAL A 226 -1.88 -0.86 44.37
N LYS A 227 -2.55 0.31 44.29
CA LYS A 227 -3.75 0.48 43.48
C LYS A 227 -3.68 1.82 42.75
N GLY A 228 -4.45 1.93 41.68
CA GLY A 228 -4.60 3.22 40.96
C GLY A 228 -4.96 4.35 41.92
N SER A 229 -5.81 4.07 42.90
CA SER A 229 -6.34 5.05 43.83
C SER A 229 -5.34 5.48 44.95
N ASN A 230 -4.27 4.72 45.18
CA ASN A 230 -3.22 5.12 46.17
C ASN A 230 -1.82 5.49 45.58
N ALA A 231 -1.61 5.24 44.28
CA ALA A 231 -0.28 5.37 43.68
C ALA A 231 0.24 6.78 43.56
N LYS A 232 -0.64 7.72 43.20
CA LYS A 232 -0.17 9.11 43.06
C LYS A 232 0.39 9.66 44.36
N GLU A 233 -0.27 9.43 45.48
CA GLU A 233 0.22 9.90 46.77
C GLU A 233 1.56 9.21 47.10
N LEU A 234 1.63 7.91 46.89
CA LEU A 234 2.89 7.19 47.13
C LEU A 234 4.09 7.74 46.35
N PHE A 235 3.82 8.09 45.09
CA PHE A 235 4.86 8.55 44.16
C PHE A 235 5.34 9.99 44.41
N GLU A 236 4.68 10.73 45.31
CA GLU A 236 5.19 12.04 45.71
C GLU A 236 6.53 11.93 46.41
N GLY A 237 6.87 10.77 46.99
CA GLY A 237 8.18 10.61 47.59
C GLY A 237 9.30 10.71 46.57
N GLU A 238 10.27 11.54 46.88
CA GLU A 238 11.45 11.74 46.06
C GLU A 238 12.28 10.44 45.84
N ASP A 239 12.23 9.50 46.78
CA ASP A 239 12.97 8.22 46.69
C ASP A 239 12.08 7.02 46.25
N VAL A 240 10.81 7.30 45.92
CA VAL A 240 9.89 6.29 45.40
C VAL A 240 9.87 6.45 43.89
N ASP A 241 10.52 5.52 43.19
CA ASP A 241 10.77 5.65 41.73
C ASP A 241 9.71 4.91 40.88
N GLY A 242 8.73 4.32 41.54
CA GLY A 242 7.66 3.58 40.86
C GLY A 242 7.14 2.45 41.71
N PHE A 243 6.62 1.43 41.05
CA PHE A 243 5.86 0.39 41.73
C PHE A 243 6.12 -1.02 41.23
N LEU A 244 6.04 -2.00 42.13
CA LEU A 244 5.88 -3.41 41.74
C LEU A 244 4.46 -3.80 42.11
N VAL A 245 3.66 -4.13 41.10
CA VAL A 245 2.23 -4.29 41.21
C VAL A 245 1.90 -5.76 41.13
N GLY A 246 1.15 -6.25 42.12
CA GLY A 246 0.71 -7.62 42.16
C GLY A 246 -0.68 -7.79 41.55
N GLY A 247 -1.69 -7.98 42.39
CA GLY A 247 -3.08 -8.25 41.93
C GLY A 247 -3.61 -7.23 40.90
N ALA A 248 -3.28 -5.93 41.07
CA ALA A 248 -3.74 -4.94 40.10
C ALA A 248 -3.08 -5.08 38.73
N SER A 249 -2.03 -5.88 38.59
CA SER A 249 -1.41 -6.09 37.27
C SER A 249 -2.27 -6.94 36.30
N LEU A 250 -3.30 -7.60 36.86
CA LEU A 250 -4.22 -8.44 36.08
C LEU A 250 -5.43 -7.71 35.52
N THR A 251 -5.55 -6.41 35.82
CA THR A 251 -6.75 -5.61 35.41
C THR A 251 -6.33 -4.31 34.77
N GLY A 252 -7.32 -3.57 34.32
CA GLY A 252 -7.21 -2.20 33.81
C GLY A 252 -6.61 -1.22 34.79
N ASP A 253 -6.65 -1.52 36.08
CA ASP A 253 -6.06 -0.67 37.12
C ASP A 253 -4.57 -0.51 36.91
N PHE A 254 -3.92 -1.49 36.27
CA PHE A 254 -2.50 -1.43 35.98
C PHE A 254 -2.16 -0.20 35.18
N VAL A 255 -3.00 0.13 34.20
CA VAL A 255 -2.73 1.30 33.36
C VAL A 255 -2.84 2.62 34.19
N SER A 256 -3.77 2.69 35.13
CA SER A 256 -3.81 3.84 36.06
C SER A 256 -2.55 3.96 36.90
N ILE A 257 -1.95 2.84 37.30
CA ILE A 257 -0.75 2.89 38.14
C ILE A 257 0.41 3.40 37.31
N ILE A 258 0.54 2.94 36.06
CA ILE A 258 1.58 3.43 35.14
C ILE A 258 1.47 4.94 35.00
N ASP A 259 0.25 5.41 34.76
CA ASP A 259 -0.01 6.85 34.67
C ASP A 259 0.38 7.65 35.94
N ALA A 260 0.23 7.06 37.11
CA ALA A 260 0.67 7.69 38.38
C ALA A 260 2.19 7.85 38.53
N ALA A 261 2.98 6.96 37.92
CA ALA A 261 4.43 7.04 37.98
C ALA A 261 5.09 8.09 36.97
N LYS A 262 4.52 9.28 36.93
CA LYS A 262 4.98 10.46 36.17
C LYS A 262 4.85 11.67 37.08
N GLN A 263 5.79 12.56 36.89
CA GLN A 263 5.72 13.83 37.55
C GLN A 263 5.41 14.81 36.42
N GLN A 264 4.36 15.57 36.53
CA GLN A 264 4.11 16.64 35.52
C GLN A 264 4.18 17.95 36.21
N ALA A 265 4.56 18.98 35.47
CA ALA A 265 4.67 20.32 36.04
C ALA A 265 3.27 20.84 36.37
N ALA B 3 -10.11 2.85 32.04
CA ALA B 3 -10.59 3.24 30.71
C ALA B 3 -12.13 3.33 30.69
N LEU B 4 -12.56 4.33 29.96
CA LEU B 4 -13.95 4.74 29.91
C LEU B 4 -14.65 4.18 28.70
N TRP B 5 -13.99 4.22 27.54
CA TRP B 5 -14.51 3.77 26.26
C TRP B 5 -13.50 2.81 25.62
N ALA B 6 -13.83 2.18 24.49
CA ALA B 6 -12.85 1.29 23.81
C ALA B 6 -12.21 1.95 22.60
N ALA B 7 -10.93 2.21 22.66
CA ALA B 7 -10.23 2.87 21.60
C ALA B 7 -9.53 1.83 20.69
N ARG B 8 -9.78 1.95 19.38
CA ARG B 8 -8.91 1.27 18.42
C ARG B 8 -7.69 2.15 18.33
N ARG B 9 -6.54 1.53 18.45
CA ARG B 9 -5.30 2.14 18.17
C ARG B 9 -5.18 2.66 16.68
N GLY B 10 -4.74 3.90 16.56
CA GLY B 10 -4.60 4.58 15.29
C GLY B 10 -3.60 3.85 14.42
N PHE B 11 -3.80 3.99 13.09
CA PHE B 11 -2.94 3.27 12.15
C PHE B 11 -2.61 4.16 10.95
N VAL B 12 -1.36 4.29 10.60
CA VAL B 12 -0.99 5.01 9.38
C VAL B 12 -0.04 4.15 8.54
N GLY B 13 -0.49 3.80 7.31
CA GLY B 13 0.32 3.05 6.34
C GLY B 13 0.87 3.96 5.29
N GLY B 14 2.10 3.70 4.83
CA GLY B 14 2.69 4.50 3.74
C GLY B 14 3.05 3.59 2.60
N ASN B 15 2.35 3.74 1.47
CA ASN B 15 2.54 2.89 0.30
C ASN B 15 3.41 3.68 -0.66
N TRP B 16 4.66 3.26 -0.79
CA TRP B 16 5.62 3.95 -1.67
C TRP B 16 5.36 3.65 -3.15
N LYS B 17 4.53 2.64 -3.42
CA LYS B 17 4.26 2.21 -4.78
C LYS B 17 5.55 1.94 -5.57
N CYS B 18 5.57 2.20 -6.88
CA CYS B 18 6.74 1.84 -7.73
C CYS B 18 7.67 3.05 -7.79
N ASN B 19 8.20 3.38 -6.63
CA ASN B 19 9.11 4.51 -6.42
C ASN B 19 10.15 4.04 -5.43
N GLY B 20 11.40 4.30 -5.77
CA GLY B 20 12.48 3.92 -4.87
C GLY B 20 13.77 3.76 -5.63
N THR B 21 14.82 4.30 -4.99
CA THR B 21 16.19 3.96 -5.29
C THR B 21 16.90 3.76 -3.94
N THR B 22 18.14 3.31 -3.99
CA THR B 22 18.88 3.07 -2.73
C THR B 22 18.98 4.36 -1.92
N ALA B 23 19.28 5.48 -2.58
CA ALA B 23 19.44 6.78 -1.88
C ALA B 23 18.12 7.32 -1.38
N LYS B 24 17.05 7.20 -2.18
CA LYS B 24 15.73 7.71 -1.74
C LYS B 24 15.19 6.87 -0.56
N THR B 25 15.46 5.56 -0.59
CA THR B 25 15.11 4.69 0.50
C THR B 25 15.82 5.16 1.81
N GLN B 26 17.11 5.48 1.69
CA GLN B 26 17.88 5.92 2.84
C GLN B 26 17.34 7.22 3.38
N GLU B 27 17.04 8.15 2.48
CA GLU B 27 16.43 9.43 2.88
C GLU B 27 15.11 9.25 3.63
N LEU B 28 14.23 8.37 3.12
CA LEU B 28 12.97 8.16 3.78
C LEU B 28 13.14 7.50 5.15
N VAL B 29 14.04 6.54 5.24
CA VAL B 29 14.35 5.89 6.51
C VAL B 29 14.89 6.94 7.52
N ASP B 30 15.82 7.78 7.06
CA ASP B 30 16.37 8.85 7.92
C ASP B 30 15.26 9.82 8.41
N MSE B 31 14.32 10.16 7.52
CA MSE B 31 13.18 10.99 7.93
C MSE B 31 12.37 10.29 9.03
O MSE B 31 11.97 10.92 9.99
CB MSE B 31 12.29 11.26 6.76
CG MSE B 31 11.14 12.20 7.06
SE MSE B 31 9.83 11.87 5.63
CE MSE B 31 9.13 10.43 6.84
N LEU B 32 12.13 9.00 8.87
CA LEU B 32 11.31 8.26 9.84
C LEU B 32 12.06 8.13 11.21
N ASN B 33 13.36 7.87 11.13
CA ASN B 33 14.22 7.78 12.34
C ASN B 33 14.38 9.08 13.11
N SER B 34 14.44 10.22 12.42
CA SER B 34 14.60 11.50 13.12
C SER B 34 13.28 12.25 13.32
N ALA B 35 12.12 11.67 12.96
CA ALA B 35 10.84 12.42 13.04
C ALA B 35 10.68 12.86 14.48
N PRO B 36 10.44 14.16 14.72
CA PRO B 36 10.36 14.62 16.08
C PRO B 36 8.93 14.57 16.63
N VAL B 37 8.20 13.49 16.32
CA VAL B 37 6.94 13.21 16.99
C VAL B 37 7.15 11.81 17.55
N SER B 38 6.59 11.51 18.70
CA SER B 38 6.52 10.15 19.19
C SER B 38 5.44 9.43 18.41
N PHE B 39 5.70 8.18 18.06
CA PHE B 39 4.74 7.32 17.43
C PHE B 39 4.10 6.38 18.47
N GLU B 40 4.18 6.67 19.76
CA GLU B 40 3.61 5.79 20.78
C GLU B 40 2.12 5.41 20.62
N GLN B 41 1.29 6.36 20.21
CA GLN B 41 -0.16 6.10 20.12
C GLN B 41 -0.66 5.58 18.77
N VAL B 42 0.24 5.29 17.83
CA VAL B 42 -0.09 4.98 16.43
C VAL B 42 0.78 3.83 15.95
N ASP B 43 0.18 2.85 15.31
CA ASP B 43 0.91 1.84 14.52
C ASP B 43 1.26 2.51 13.17
N VAL B 44 2.56 2.56 12.88
CA VAL B 44 3.00 3.08 11.60
C VAL B 44 3.60 1.94 10.78
N VAL B 45 3.17 1.80 9.53
CA VAL B 45 3.70 0.75 8.67
C VAL B 45 4.12 1.39 7.32
N VAL B 46 5.28 1.02 6.79
CA VAL B 46 5.71 1.49 5.48
C VAL B 46 5.96 0.32 4.52
N ALA B 47 5.57 0.54 3.24
CA ALA B 47 5.62 -0.49 2.24
C ALA B 47 6.53 -0.07 1.07
N PRO B 48 7.84 -0.34 1.18
CA PRO B 48 8.79 -0.10 0.07
C PRO B 48 8.59 -1.15 -1.03
N PRO B 49 9.09 -0.85 -2.24
CA PRO B 49 9.15 -1.88 -3.26
C PRO B 49 10.04 -3.02 -2.72
N SER B 50 9.76 -4.23 -3.20
CA SER B 50 10.35 -5.43 -2.57
C SER B 50 11.88 -5.42 -2.60
N LEU B 51 12.47 -4.82 -3.61
CA LEU B 51 13.93 -4.71 -3.75
C LEU B 51 14.64 -4.01 -2.58
N PHE B 52 13.94 -3.09 -1.93
CA PHE B 52 14.45 -2.20 -0.89
C PHE B 52 14.03 -2.60 0.57
N ILE B 53 13.18 -3.63 0.73
CA ILE B 53 12.68 -3.97 2.04
C ILE B 53 13.81 -4.33 3.00
N SER B 54 14.77 -5.11 2.60
CA SER B 54 15.85 -5.54 3.49
C SER B 54 16.70 -4.36 4.00
N GLN B 55 16.92 -3.37 3.14
CA GLN B 55 17.64 -2.14 3.49
C GLN B 55 16.86 -1.35 4.54
N VAL B 56 15.51 -1.28 4.36
CA VAL B 56 14.69 -0.59 5.35
C VAL B 56 14.74 -1.36 6.67
N GLN B 57 14.60 -2.68 6.63
CA GLN B 57 14.74 -3.51 7.88
C GLN B 57 16.05 -3.31 8.57
N ASP B 58 17.13 -3.18 7.82
CA ASP B 58 18.47 -2.99 8.44
C ASP B 58 18.72 -1.66 9.08
N SER B 59 18.13 -0.58 8.55
CA SER B 59 18.45 0.79 9.01
C SER B 59 17.34 1.48 9.80
N LEU B 60 16.12 0.93 9.80
CA LEU B 60 15.04 1.56 10.53
C LEU B 60 15.28 1.28 12.02
N ARG B 61 15.15 2.29 12.87
CA ARG B 61 15.18 1.95 14.33
C ARG B 61 14.03 0.96 14.86
N PRO B 63 11.22 0.97 17.70
CA PRO B 63 10.75 0.37 16.44
C PRO B 63 9.24 0.41 16.33
N ARG B 64 8.68 1.60 16.60
CA ARG B 64 7.26 1.80 16.30
C ARG B 64 6.85 1.73 14.85
N VAL B 65 7.83 1.82 13.94
CA VAL B 65 7.59 1.61 12.50
C VAL B 65 7.91 0.17 12.09
N GLN B 66 6.95 -0.47 11.41
CA GLN B 66 7.08 -1.81 10.90
C GLN B 66 7.09 -1.75 9.37
N VAL B 67 7.57 -2.81 8.75
CA VAL B 67 7.67 -2.83 7.28
C VAL B 67 6.61 -3.78 6.68
N ALA B 68 6.26 -3.50 5.42
CA ALA B 68 5.29 -4.28 4.66
C ALA B 68 5.74 -4.56 3.25
N ALA B 69 5.30 -5.69 2.67
CA ALA B 69 5.41 -5.84 1.23
C ALA B 69 4.12 -5.27 0.59
N GLN B 70 4.21 -4.89 -0.70
CA GLN B 70 3.07 -4.24 -1.41
C GLN B 70 2.11 -5.27 -2.08
N ASP B 71 2.41 -6.58 -1.94
CA ASP B 71 1.66 -7.66 -2.52
C ASP B 71 2.20 -8.91 -1.91
N SER B 72 1.47 -10.01 -2.05
CA SER B 72 1.86 -11.31 -1.55
C SER B 72 1.15 -12.37 -2.40
N SER B 73 1.82 -13.49 -2.74
CA SER B 73 1.30 -14.40 -3.73
C SER B 73 0.05 -15.19 -3.28
N THR B 74 -0.78 -15.57 -4.24
CA THR B 74 -1.78 -16.63 -4.03
C THR B 74 -1.14 -17.95 -3.63
N GLN B 75 0.12 -18.13 -4.00
CA GLN B 75 0.86 -19.36 -3.72
C GLN B 75 1.48 -19.21 -2.34
N GLN B 76 1.06 -20.05 -1.41
CA GLN B 76 1.30 -19.81 0.00
C GLN B 76 2.70 -20.04 0.48
N ALA B 77 3.37 -21.06 -0.03
CA ALA B 77 4.60 -21.56 0.56
C ALA B 77 5.76 -21.40 -0.43
N TYR B 78 6.82 -22.21 -0.32
CA TYR B 78 7.93 -22.19 -1.30
C TYR B 78 7.61 -23.15 -2.48
N GLY B 79 8.09 -22.79 -3.66
CA GLY B 79 8.07 -23.65 -4.80
C GLY B 79 8.25 -22.92 -6.12
N ALA B 80 7.67 -23.50 -7.18
CA ALA B 80 7.97 -23.16 -8.55
C ALA B 80 7.05 -22.04 -9.09
N PHE B 81 7.22 -20.85 -8.53
CA PHE B 81 6.36 -19.72 -8.80
C PHE B 81 7.22 -18.52 -9.18
N THR B 82 7.73 -18.57 -10.41
CA THR B 82 8.67 -17.53 -10.91
C THR B 82 8.08 -16.13 -10.77
N GLY B 83 8.82 -15.23 -10.12
CA GLY B 83 8.43 -13.85 -9.98
C GLY B 83 7.44 -13.53 -8.86
N GLU B 84 7.08 -14.55 -8.07
CA GLU B 84 6.17 -14.42 -6.94
C GLU B 84 6.95 -14.44 -5.60
N LEU B 85 6.50 -13.62 -4.66
CA LEU B 85 6.93 -13.68 -3.24
C LEU B 85 5.75 -14.25 -2.43
N SER B 86 5.95 -15.46 -1.91
CA SER B 86 4.91 -16.10 -1.09
C SER B 86 4.84 -15.52 0.35
N PRO B 87 3.65 -15.66 0.97
CA PRO B 87 3.54 -15.13 2.36
C PRO B 87 4.49 -15.84 3.30
N LYS B 88 4.78 -17.11 3.04
CA LYS B 88 5.72 -17.84 3.87
C LYS B 88 7.10 -17.23 3.79
N MSE B 89 7.53 -16.92 2.59
CA MSE B 89 8.85 -16.26 2.38
C MSE B 89 8.90 -14.91 3.11
O MSE B 89 9.90 -14.56 3.74
CB MSE B 89 9.04 -16.08 0.83
CG MSE B 89 10.35 -15.41 0.56
SE MSE B 89 10.58 -15.08 -1.36
CE MSE B 89 11.10 -16.84 -1.94
N ILE B 90 7.81 -14.14 2.93
CA ILE B 90 7.73 -12.78 3.49
C ILE B 90 7.82 -12.89 5.02
N LYS B 91 7.05 -13.79 5.61
CA LYS B 91 7.06 -13.95 7.07
C LYS B 91 8.44 -14.39 7.58
N GLU B 92 9.04 -15.38 6.92
CA GLU B 92 10.34 -15.88 7.32
C GLU B 92 11.47 -14.83 7.14
N LYS B 93 11.26 -13.84 6.28
CA LYS B 93 12.19 -12.73 6.16
C LYS B 93 11.87 -11.65 7.25
N ASN B 94 11.00 -11.96 8.22
CA ASN B 94 10.61 -11.05 9.34
C ASN B 94 9.89 -9.78 8.91
N ILE B 95 9.13 -9.85 7.84
CA ILE B 95 8.28 -8.78 7.40
C ILE B 95 6.89 -9.04 7.97
N PRO B 96 6.37 -8.14 8.86
CA PRO B 96 5.10 -8.52 9.55
C PRO B 96 3.81 -8.19 8.81
N TRP B 97 3.86 -7.32 7.76
CA TRP B 97 2.68 -6.83 7.11
C TRP B 97 2.72 -7.00 5.60
N VAL B 98 1.53 -7.18 5.00
CA VAL B 98 1.35 -7.07 3.57
C VAL B 98 0.16 -6.22 3.16
N VAL B 99 0.27 -5.52 2.02
CA VAL B 99 -0.82 -4.79 1.40
C VAL B 99 -1.45 -5.72 0.34
N LEU B 100 -2.76 -5.92 0.40
CA LEU B 100 -3.44 -6.83 -0.58
C LEU B 100 -4.67 -6.18 -1.14
N GLY B 101 -4.91 -6.42 -2.43
CA GLY B 101 -6.03 -5.86 -3.09
C GLY B 101 -6.06 -4.39 -3.40
N HIS B 102 -4.89 -3.72 -3.43
CA HIS B 102 -4.82 -2.37 -3.91
C HIS B 102 -5.54 -2.23 -5.27
N SER B 103 -6.26 -1.15 -5.47
CA SER B 103 -7.00 -1.00 -6.72
C SER B 103 -6.12 -1.03 -7.96
N GLU B 104 -4.89 -0.59 -7.84
CA GLU B 104 -3.95 -0.70 -8.98
C GLU B 104 -3.76 -2.18 -9.42
N ARG B 105 -3.69 -3.10 -8.41
CA ARG B 105 -3.47 -4.51 -8.70
C ARG B 105 -4.82 -5.17 -9.07
N ARG B 106 -5.95 -4.68 -8.55
CA ARG B 106 -7.26 -5.16 -9.01
C ARG B 106 -7.47 -4.80 -10.48
N ALA B 107 -7.01 -3.66 -10.91
CA ALA B 107 -7.23 -3.21 -12.35
C ALA B 107 -6.27 -3.91 -13.30
N GLY B 108 -5.07 -4.21 -12.83
CA GLY B 108 -4.07 -4.89 -13.66
C GLY B 108 -3.23 -3.89 -14.46
N PHE B 109 -2.18 -4.40 -15.05
CA PHE B 109 -1.16 -3.63 -15.73
C PHE B 109 -0.87 -4.12 -17.14
N GLY B 110 -0.81 -3.14 -18.05
CA GLY B 110 -0.31 -3.32 -19.44
C GLY B 110 -1.10 -4.31 -20.24
N GLY B 111 -2.37 -4.50 -19.91
CA GLY B 111 -3.25 -5.45 -20.65
C GLY B 111 -3.39 -6.80 -19.94
N GLN B 112 -2.55 -7.13 -18.96
CA GLN B 112 -2.81 -8.34 -18.20
C GLN B 112 -3.97 -8.12 -17.23
N PRO B 113 -4.98 -9.02 -17.20
CA PRO B 113 -6.05 -8.80 -16.25
C PRO B 113 -5.51 -8.75 -14.80
N GLY B 114 -6.18 -7.95 -13.99
CA GLY B 114 -5.85 -7.78 -12.60
C GLY B 114 -6.49 -8.88 -11.72
N GLU B 115 -6.38 -8.63 -10.44
CA GLU B 115 -6.86 -9.51 -9.34
C GLU B 115 -8.34 -9.32 -9.08
N SER B 116 -9.15 -10.36 -9.30
CA SER B 116 -10.53 -10.38 -8.91
C SER B 116 -10.73 -10.37 -7.39
N ASN B 117 -11.98 -10.16 -6.96
CA ASN B 117 -12.34 -10.29 -5.55
C ASN B 117 -11.87 -11.63 -5.02
N GLN B 118 -12.07 -12.67 -5.82
CA GLN B 118 -11.73 -14.05 -5.43
C GLN B 118 -10.17 -14.28 -5.28
N VAL B 119 -9.40 -13.72 -6.20
CA VAL B 119 -7.95 -13.79 -6.14
C VAL B 119 -7.39 -13.03 -4.94
N VAL B 120 -7.94 -11.81 -4.68
CA VAL B 120 -7.54 -11.05 -3.49
C VAL B 120 -7.82 -11.87 -2.25
N ALA B 121 -9.01 -12.49 -2.20
CA ALA B 121 -9.38 -13.28 -1.04
C ALA B 121 -8.42 -14.42 -0.79
N LYS B 122 -8.06 -15.11 -1.85
CA LYS B 122 -7.07 -16.20 -1.76
C LYS B 122 -5.74 -15.68 -1.22
N LYS B 123 -5.30 -14.51 -1.66
CA LYS B 123 -4.05 -13.93 -1.15
C LYS B 123 -4.17 -13.65 0.36
N VAL B 124 -5.34 -13.10 0.77
CA VAL B 124 -5.54 -12.75 2.18
C VAL B 124 -5.46 -14.03 3.05
N ARG B 125 -6.21 -15.06 2.67
CA ARG B 125 -6.19 -16.31 3.39
C ARG B 125 -4.79 -16.90 3.53
N ALA B 126 -4.06 -16.92 2.44
CA ALA B 126 -2.69 -17.48 2.45
C ALA B 126 -1.78 -16.67 3.38
N ALA B 127 -1.92 -15.37 3.36
CA ALA B 127 -1.11 -14.47 4.20
C ALA B 127 -1.41 -14.68 5.68
N LEU B 128 -2.71 -14.68 6.02
CA LEU B 128 -3.11 -14.92 7.41
C LEU B 128 -2.69 -16.31 7.91
N ASN B 129 -2.83 -17.33 7.08
CA ASN B 129 -2.36 -18.68 7.41
C ASN B 129 -0.87 -18.69 7.78
N GLU B 130 -0.05 -17.83 7.17
CA GLU B 130 1.37 -17.79 7.49
C GLU B 130 1.74 -16.78 8.58
N GLY B 131 0.77 -16.29 9.33
CA GLY B 131 1.06 -15.39 10.44
C GLY B 131 1.27 -13.94 10.09
N LEU B 132 0.94 -13.51 8.86
CA LEU B 132 1.07 -12.10 8.55
C LEU B 132 -0.12 -11.31 9.02
N SER B 133 0.07 -10.01 9.24
CA SER B 133 -1.03 -9.03 9.24
C SER B 133 -1.21 -8.40 7.85
N VAL B 134 -2.44 -8.00 7.51
CA VAL B 134 -2.81 -7.61 6.18
C VAL B 134 -3.54 -6.27 6.16
N ILE B 135 -3.12 -5.35 5.25
CA ILE B 135 -3.87 -4.17 4.94
C ILE B 135 -4.69 -4.51 3.73
N LEU B 136 -5.99 -4.79 3.96
CA LEU B 136 -6.89 -5.18 2.91
C LEU B 136 -7.55 -3.96 2.27
N CYS B 137 -7.29 -3.74 0.96
CA CYS B 137 -7.80 -2.60 0.24
C CYS B 137 -9.12 -2.88 -0.43
N ILE B 138 -10.09 -1.96 -0.29
CA ILE B 138 -11.42 -2.07 -0.98
C ILE B 138 -11.75 -0.68 -1.47
N GLY B 139 -12.71 -0.55 -2.37
CA GLY B 139 -13.12 0.78 -2.83
C GLY B 139 -13.91 0.71 -4.12
N GLU B 140 -14.81 1.68 -4.28
CA GLU B 140 -15.66 1.77 -5.44
C GLU B 140 -15.09 2.76 -6.47
N THR B 141 -15.56 2.60 -7.70
CA THR B 141 -15.20 3.48 -8.79
C THR B 141 -16.07 4.72 -8.75
N LEU B 142 -15.69 5.71 -9.55
CA LEU B 142 -16.51 6.93 -9.67
C LEU B 142 -17.89 6.56 -10.16
N GLU B 143 -17.96 5.73 -11.24
CA GLU B 143 -19.28 5.30 -11.75
C GLU B 143 -20.14 4.62 -10.67
N GLU B 144 -19.51 3.72 -9.89
CA GLU B 144 -20.22 3.02 -8.80
C GLU B 144 -20.71 4.00 -7.74
N ARG B 145 -19.92 4.99 -7.40
CA ARG B 145 -20.29 5.98 -6.43
C ARG B 145 -21.53 6.79 -6.89
N GLU B 146 -21.45 7.30 -8.12
CA GLU B 146 -22.48 8.17 -8.66
C GLU B 146 -23.78 7.44 -8.98
N SER B 147 -23.74 6.13 -9.20
CA SER B 147 -24.95 5.35 -9.41
C SER B 147 -25.50 4.69 -8.12
N GLY B 148 -25.03 5.10 -6.94
CA GLY B 148 -25.51 4.58 -5.64
C GLY B 148 -25.10 3.14 -5.27
N GLN B 149 -24.03 2.61 -5.87
CA GLN B 149 -23.65 1.20 -5.69
C GLN B 149 -22.52 0.94 -4.62
N THR B 150 -22.05 1.99 -3.95
CA THR B 150 -20.91 1.87 -3.05
C THR B 150 -21.09 0.72 -2.03
N GLN B 151 -22.20 0.69 -1.33
CA GLN B 151 -22.40 -0.36 -0.30
C GLN B 151 -22.42 -1.77 -0.91
N LYS B 152 -23.07 -1.92 -2.08
CA LYS B 152 -23.16 -3.22 -2.77
C LYS B 152 -21.75 -3.69 -3.15
N VAL B 153 -20.96 -2.77 -3.72
CA VAL B 153 -19.61 -3.08 -4.19
C VAL B 153 -18.69 -3.43 -3.02
N LEU B 154 -18.69 -2.63 -1.99
CA LEU B 154 -17.80 -2.90 -0.86
C LEU B 154 -18.20 -4.22 -0.18
N SER B 155 -19.50 -4.51 -0.08
CA SER B 155 -19.96 -5.77 0.46
C SER B 155 -19.45 -6.97 -0.35
N GLU B 156 -19.47 -6.89 -1.69
CA GLU B 156 -18.99 -7.95 -2.58
C GLU B 156 -17.46 -8.17 -2.34
N GLN B 157 -16.71 -7.10 -2.25
CA GLN B 157 -15.27 -7.19 -1.99
C GLN B 157 -14.95 -7.84 -0.67
N LEU B 158 -15.65 -7.41 0.39
CA LEU B 158 -15.45 -7.97 1.71
C LEU B 158 -15.99 -9.37 1.85
N GLU B 159 -17.18 -9.66 1.27
CA GLU B 159 -17.75 -10.99 1.31
C GLU B 159 -16.86 -12.06 0.67
N ALA B 160 -16.20 -11.75 -0.44
CA ALA B 160 -15.26 -12.71 -1.07
C ALA B 160 -14.16 -13.05 -0.09
N VAL B 161 -13.65 -12.06 0.66
CA VAL B 161 -12.62 -12.31 1.65
C VAL B 161 -13.19 -13.19 2.80
N ARG B 162 -14.39 -12.89 3.27
CA ARG B 162 -15.02 -13.73 4.30
C ARG B 162 -15.23 -15.20 3.87
N GLN B 163 -15.58 -15.43 2.60
CA GLN B 163 -15.72 -16.82 2.09
C GLN B 163 -14.42 -17.59 2.18
N ALA B 164 -13.30 -16.93 1.94
CA ALA B 164 -11.98 -17.53 2.10
C ALA B 164 -11.49 -17.56 3.55
N VAL B 165 -11.94 -16.61 4.38
CA VAL B 165 -11.54 -16.51 5.75
C VAL B 165 -12.82 -16.44 6.61
N PRO B 166 -13.52 -17.58 6.76
CA PRO B 166 -14.77 -17.53 7.50
C PRO B 166 -14.59 -17.43 9.04
N GLU B 167 -13.40 -17.71 9.57
CA GLU B 167 -13.18 -17.71 11.00
C GLU B 167 -12.94 -16.32 11.52
N ALA B 168 -13.76 -15.89 12.46
CA ALA B 168 -13.71 -14.51 12.95
C ALA B 168 -12.40 -14.21 13.66
N ASP B 169 -11.81 -15.21 14.38
CA ASP B 169 -10.54 -14.95 15.07
C ASP B 169 -9.41 -14.47 14.11
N ALA B 170 -9.41 -14.97 12.85
CA ALA B 170 -8.37 -14.62 11.91
C ALA B 170 -8.36 -13.15 11.55
N TRP B 171 -9.55 -12.54 11.59
CA TRP B 171 -9.74 -11.13 11.27
C TRP B 171 -9.04 -10.17 12.27
N LYS B 172 -8.54 -10.67 13.41
CA LYS B 172 -7.73 -9.85 14.33
C LYS B 172 -6.52 -9.16 13.65
N SER B 173 -5.94 -9.81 12.68
CA SER B 173 -4.76 -9.36 12.02
C SER B 173 -5.06 -8.67 10.61
N ILE B 174 -6.29 -8.22 10.42
CA ILE B 174 -6.70 -7.42 9.27
C ILE B 174 -6.97 -5.97 9.68
N VAL B 175 -6.48 -5.06 8.85
CA VAL B 175 -6.82 -3.63 8.85
C VAL B 175 -7.43 -3.37 7.47
N ILE B 176 -8.56 -2.72 7.41
CA ILE B 176 -9.24 -2.46 6.15
C ILE B 176 -8.90 -1.05 5.69
N ALA B 177 -8.43 -0.90 4.45
CA ALA B 177 -8.18 0.40 3.87
C ALA B 177 -9.25 0.69 2.85
N TYR B 178 -10.08 1.71 3.14
CA TYR B 178 -11.08 2.14 2.20
C TYR B 178 -10.47 3.20 1.36
N GLU B 179 -10.28 2.91 0.07
CA GLU B 179 -9.69 3.92 -0.88
C GLU B 179 -10.61 4.03 -2.07
N PRO B 180 -11.50 5.05 -2.07
CA PRO B 180 -12.29 5.17 -3.27
C PRO B 180 -11.36 5.37 -4.49
N VAL B 181 -11.68 4.68 -5.59
CA VAL B 181 -10.75 4.69 -6.73
C VAL B 181 -10.59 6.10 -7.27
N TRP B 182 -11.66 6.87 -7.26
CA TRP B 182 -11.70 8.23 -7.73
C TRP B 182 -10.85 9.22 -6.91
N ALA B 183 -10.46 8.84 -5.68
CA ALA B 183 -9.54 9.62 -4.85
C ALA B 183 -8.07 9.30 -4.98
N ILE B 184 -7.72 8.23 -5.68
CA ILE B 184 -6.36 7.77 -5.76
C ILE B 184 -5.61 8.56 -6.86
N GLY B 185 -4.61 9.36 -6.41
CA GLY B 185 -3.79 10.09 -7.35
C GLY B 185 -4.39 11.26 -8.06
N THR B 186 -5.65 11.60 -7.76
CA THR B 186 -6.37 12.66 -8.48
C THR B 186 -6.38 13.97 -7.73
N GLY B 187 -5.98 13.99 -6.46
CA GLY B 187 -6.19 15.15 -5.61
C GLY B 187 -7.62 15.33 -5.08
N LYS B 188 -8.57 14.46 -5.49
CA LYS B 188 -9.96 14.62 -5.07
C LYS B 188 -10.17 13.78 -3.80
N THR B 189 -9.71 14.30 -2.69
CA THR B 189 -9.92 13.64 -1.36
C THR B 189 -11.41 13.54 -1.06
N ALA B 190 -11.84 12.41 -0.56
CA ALA B 190 -13.18 12.34 0.06
C ALA B 190 -13.42 13.47 1.08
N THR B 191 -14.66 13.96 1.13
CA THR B 191 -15.06 14.82 2.28
C THR B 191 -14.98 14.00 3.56
N ALA B 192 -14.80 14.67 4.68
CA ALA B 192 -14.89 14.03 6.02
C ALA B 192 -16.19 13.31 6.21
N ALA B 193 -17.29 13.92 5.80
CA ALA B 193 -18.64 13.31 5.94
C ALA B 193 -18.77 12.02 5.07
N LEU B 194 -18.34 12.03 3.82
CA LEU B 194 -18.43 10.82 2.95
C LEU B 194 -17.56 9.66 3.51
N ALA B 195 -16.35 9.99 3.98
CA ALA B 195 -15.49 8.99 4.52
C ALA B 195 -16.10 8.38 5.77
N GLN B 196 -16.57 9.20 6.69
CA GLN B 196 -17.16 8.69 7.92
C GLN B 196 -18.38 7.84 7.64
N GLU B 197 -19.27 8.29 6.75
CA GLU B 197 -20.47 7.52 6.35
C GLU B 197 -20.09 6.10 5.83
N THR B 198 -19.12 6.07 4.92
CA THR B 198 -18.74 4.80 4.29
C THR B 198 -18.03 3.90 5.28
N HIS B 199 -17.15 4.49 6.13
CA HIS B 199 -16.47 3.72 7.10
C HIS B 199 -17.48 3.09 8.10
N ARG B 200 -18.51 3.82 8.47
CA ARG B 200 -19.54 3.27 9.34
C ARG B 200 -20.32 2.12 8.68
N ASP B 201 -20.59 2.21 7.36
CA ASP B 201 -21.20 1.13 6.62
C ASP B 201 -20.30 -0.11 6.63
N ILE B 202 -19.00 0.09 6.46
CA ILE B 202 -18.04 -0.97 6.47
C ILE B 202 -18.05 -1.65 7.87
N ARG B 203 -18.10 -0.84 8.94
CA ARG B 203 -18.10 -1.41 10.29
C ARG B 203 -19.41 -2.16 10.59
N ASN B 204 -20.54 -1.66 10.07
CA ASN B 204 -21.81 -2.36 10.22
C ASN B 204 -21.78 -3.67 9.45
N TRP B 205 -21.10 -3.68 8.30
CA TRP B 205 -20.93 -4.94 7.56
C TRP B 205 -20.15 -5.98 8.41
N LEU B 206 -19.02 -5.58 9.03
CA LEU B 206 -18.26 -6.48 9.86
C LEU B 206 -19.12 -7.07 11.00
N ALA B 207 -19.95 -6.21 11.62
CA ALA B 207 -20.73 -6.63 12.75
C ALA B 207 -21.77 -7.69 12.37
N GLN B 208 -22.41 -7.53 11.20
CA GLN B 208 -23.49 -8.42 10.73
C GLN B 208 -22.90 -9.69 10.11
N ALA B 209 -21.84 -9.58 9.31
CA ALA B 209 -21.29 -10.72 8.53
C ALA B 209 -20.25 -11.52 9.31
N VAL B 210 -19.45 -10.86 10.14
CA VAL B 210 -18.35 -11.55 10.85
C VAL B 210 -18.73 -11.63 12.38
N SER B 211 -18.59 -10.56 13.13
CA SER B 211 -19.05 -10.48 14.50
C SER B 211 -18.98 -9.06 15.07
N PRO B 212 -19.80 -8.76 16.06
CA PRO B 212 -19.60 -7.48 16.82
C PRO B 212 -18.17 -7.23 17.34
N LYS B 213 -17.50 -8.27 17.78
CA LYS B 213 -16.14 -8.11 18.31
C LYS B 213 -15.16 -7.66 17.21
N VAL B 214 -15.25 -8.30 16.03
CA VAL B 214 -14.41 -7.94 14.92
C VAL B 214 -14.74 -6.53 14.50
N ALA B 215 -16.02 -6.16 14.50
CA ALA B 215 -16.42 -4.80 14.14
C ALA B 215 -15.79 -3.74 15.03
N GLU B 216 -15.78 -3.97 16.33
CA GLU B 216 -15.22 -3.03 17.31
C GLU B 216 -13.70 -2.95 17.27
N ALA B 217 -13.02 -4.02 16.96
CA ALA B 217 -11.56 -4.05 17.01
C ALA B 217 -10.89 -3.72 15.69
N THR B 218 -11.56 -3.87 14.55
CA THR B 218 -10.87 -3.75 13.25
C THR B 218 -10.62 -2.27 12.93
N ARG B 219 -9.39 -1.89 12.72
CA ARG B 219 -9.09 -0.58 12.16
C ARG B 219 -9.60 -0.46 10.73
N VAL B 220 -10.35 0.61 10.46
CA VAL B 220 -10.73 0.98 9.10
C VAL B 220 -10.08 2.31 8.79
N ILE B 221 -9.13 2.29 7.86
CA ILE B 221 -8.33 3.47 7.51
C ILE B 221 -8.72 4.03 6.14
N TYR B 222 -8.61 5.34 5.99
CA TYR B 222 -9.00 6.01 4.74
C TYR B 222 -7.74 6.25 3.89
N GLY B 223 -7.86 6.01 2.57
CA GLY B 223 -6.81 6.50 1.66
C GLY B 223 -7.38 7.07 0.41
N GLY B 224 -6.59 7.83 -0.29
CA GLY B 224 -7.00 8.52 -1.52
C GLY B 224 -6.76 10.00 -1.32
N SER B 225 -5.58 10.43 -1.76
CA SER B 225 -5.20 11.82 -1.68
C SER B 225 -5.16 12.37 -0.25
N VAL B 226 -4.58 11.59 0.64
CA VAL B 226 -4.43 12.04 2.05
C VAL B 226 -3.21 12.97 2.10
N LYS B 227 -3.37 14.08 2.78
CA LYS B 227 -2.31 15.08 3.01
C LYS B 227 -2.30 15.55 4.45
N GLY B 228 -1.16 16.07 4.92
CA GLY B 228 -1.08 16.67 6.23
C GLY B 228 -2.20 17.70 6.49
N SER B 229 -2.58 18.45 5.48
CA SER B 229 -3.53 19.54 5.57
C SER B 229 -5.00 19.08 5.61
N ASN B 230 -5.29 17.85 5.19
CA ASN B 230 -6.68 17.30 5.25
C ASN B 230 -6.90 16.16 6.28
N ALA B 231 -5.84 15.65 6.89
CA ALA B 231 -5.91 14.47 7.74
C ALA B 231 -6.65 14.71 9.08
N LYS B 232 -6.40 15.82 9.71
CA LYS B 232 -7.07 16.13 10.98
C LYS B 232 -8.57 16.17 10.84
N GLU B 233 -9.08 16.83 9.82
CA GLU B 233 -10.52 16.88 9.64
C GLU B 233 -11.08 15.47 9.35
N LEU B 234 -10.40 14.72 8.49
CA LEU B 234 -10.84 13.35 8.19
C LEU B 234 -10.94 12.48 9.45
N PHE B 235 -9.95 12.62 10.33
CA PHE B 235 -9.85 11.82 11.54
C PHE B 235 -10.86 12.15 12.66
N GLU B 236 -11.59 13.24 12.52
CA GLU B 236 -12.69 13.54 13.44
C GLU B 236 -13.79 12.48 13.36
N GLY B 237 -13.92 11.77 12.24
CA GLY B 237 -14.89 10.68 12.16
C GLY B 237 -14.60 9.56 13.13
N GLU B 238 -15.62 9.20 13.89
CA GLU B 238 -15.51 8.15 14.90
C GLU B 238 -15.15 6.77 14.31
N ASP B 239 -15.45 6.51 13.06
CA ASP B 239 -15.10 5.24 12.38
C ASP B 239 -13.87 5.29 11.48
N VAL B 240 -13.20 6.45 11.46
CA VAL B 240 -11.96 6.66 10.67
C VAL B 240 -10.80 6.48 11.63
N ASP B 241 -10.10 5.33 11.50
CA ASP B 241 -9.06 4.93 12.50
C ASP B 241 -7.64 5.31 12.11
N GLY B 242 -7.51 5.97 10.98
CA GLY B 242 -6.20 6.37 10.46
C GLY B 242 -6.21 6.43 8.93
N PHE B 243 -5.05 6.26 8.33
CA PHE B 243 -4.87 6.53 6.91
C PHE B 243 -3.96 5.54 6.16
N LEU B 244 -4.26 5.29 4.87
CA LEU B 244 -3.30 4.66 3.97
C LEU B 244 -2.85 5.76 2.99
N VAL B 245 -1.56 6.09 3.04
CA VAL B 245 -1.01 7.24 2.39
C VAL B 245 -0.22 6.79 1.16
N GLY B 246 -0.49 7.39 0.03
CA GLY B 246 0.25 7.09 -1.21
C GLY B 246 1.36 8.07 -1.47
N GLY B 247 1.17 9.01 -2.42
CA GLY B 247 2.20 9.98 -2.81
C GLY B 247 2.83 10.74 -1.61
N ALA B 248 2.02 11.11 -0.60
CA ALA B 248 2.57 11.82 0.55
C ALA B 248 3.49 10.95 1.42
N SER B 249 3.50 9.62 1.21
CA SER B 249 4.41 8.76 2.00
C SER B 249 5.88 8.91 1.58
N LEU B 250 6.11 9.57 0.42
CA LEU B 250 7.44 9.79 -0.12
C LEU B 250 8.05 11.13 0.33
N THR B 251 7.37 11.90 1.16
CA THR B 251 7.81 13.23 1.59
C THR B 251 7.65 13.40 3.08
N GLY B 252 8.14 14.57 3.56
CA GLY B 252 7.97 14.97 4.97
C GLY B 252 6.53 15.05 5.46
N ASP B 253 5.61 15.24 4.53
CA ASP B 253 4.19 15.36 4.83
C ASP B 253 3.66 14.08 5.54
N PHE B 254 4.31 12.94 5.30
CA PHE B 254 3.94 11.70 5.95
C PHE B 254 3.95 11.83 7.48
N VAL B 255 4.95 12.53 8.00
CA VAL B 255 5.03 12.71 9.45
C VAL B 255 3.86 13.58 10.00
N SER B 256 3.43 14.58 9.26
CA SER B 256 2.24 15.35 9.69
C SER B 256 0.99 14.48 9.70
N ILE B 257 0.90 13.50 8.78
CA ILE B 257 -0.29 12.62 8.75
C ILE B 257 -0.29 11.73 9.98
N ILE B 258 0.87 11.18 10.34
CA ILE B 258 1.03 10.36 11.55
C ILE B 258 0.56 11.14 12.78
N ASP B 259 1.03 12.38 12.87
CA ASP B 259 0.63 13.27 13.96
C ASP B 259 -0.88 13.53 14.03
N ALA B 260 -1.56 13.59 12.90
CA ALA B 260 -3.02 13.70 12.89
C ALA B 260 -3.80 12.48 13.47
N ALA B 261 -3.20 11.26 13.51
CA ALA B 261 -3.88 9.99 13.77
C ALA B 261 -3.91 9.46 15.22
N ARG C 8 29.63 -17.92 -30.14
CA ARG C 8 28.60 -17.55 -29.15
C ARG C 8 29.15 -18.00 -27.81
N ARG C 9 29.26 -17.08 -26.89
CA ARG C 9 29.63 -17.40 -25.54
C ARG C 9 28.57 -18.25 -24.81
N GLY C 10 29.00 -19.32 -24.16
CA GLY C 10 28.09 -20.16 -23.35
C GLY C 10 27.44 -19.38 -22.25
N PHE C 11 26.23 -19.79 -21.86
CA PHE C 11 25.41 -19.01 -20.92
C PHE C 11 24.68 -19.97 -20.01
N VAL C 12 24.79 -19.78 -18.70
CA VAL C 12 24.00 -20.57 -17.74
C VAL C 12 23.25 -19.62 -16.79
N GLY C 13 21.92 -19.70 -16.79
CA GLY C 13 21.06 -18.97 -15.86
C GLY C 13 20.57 -19.89 -14.76
N GLY C 14 20.45 -19.35 -13.55
CA GLY C 14 19.94 -20.10 -12.38
C GLY C 14 18.68 -19.37 -11.88
N ASN C 15 17.50 -19.95 -12.08
CA ASN C 15 16.23 -19.37 -11.68
C ASN C 15 15.86 -20.04 -10.35
N TRP C 16 15.99 -19.29 -9.25
CA TRP C 16 15.72 -19.81 -7.91
C TRP C 16 14.22 -19.94 -7.68
N LYS C 17 13.40 -19.30 -8.54
CA LYS C 17 11.97 -19.27 -8.36
C LYS C 17 11.59 -18.77 -6.94
N CYS C 18 10.48 -19.26 -6.36
CA CYS C 18 9.95 -18.75 -5.08
C CYS C 18 10.53 -19.63 -3.96
N ASN C 19 11.84 -19.49 -3.83
CA ASN C 19 12.69 -20.21 -2.87
C ASN C 19 13.76 -19.25 -2.40
N GLY C 20 13.95 -19.18 -1.10
CA GLY C 20 14.97 -18.34 -0.53
C GLY C 20 14.59 -17.89 0.89
N THR C 21 15.60 -17.86 1.72
CA THR C 21 15.63 -17.20 3.01
C THR C 21 17.04 -16.50 3.09
N THR C 22 17.21 -15.69 4.13
CA THR C 22 18.49 -14.99 4.31
C THR C 22 19.65 -15.99 4.40
N ALA C 23 19.47 -17.06 5.16
CA ALA C 23 20.56 -18.08 5.30
C ALA C 23 20.77 -18.89 4.04
N LYS C 24 19.70 -19.26 3.35
CA LYS C 24 19.86 -20.06 2.10
C LYS C 24 20.51 -19.22 1.02
N THR C 25 20.18 -17.92 0.98
CA THR C 25 20.82 -16.99 0.06
C THR C 25 22.33 -16.94 0.34
N GLN C 26 22.72 -16.87 1.61
CA GLN C 26 24.12 -16.81 2.01
C GLN C 26 24.83 -18.09 1.58
N GLU C 27 24.20 -19.23 1.82
CA GLU C 27 24.74 -20.52 1.38
C GLU C 27 24.97 -20.59 -0.12
N LEU C 28 24.00 -20.13 -0.91
CA LEU C 28 24.15 -20.15 -2.37
C LEU C 28 25.24 -19.21 -2.83
N VAL C 29 25.32 -18.04 -2.22
CA VAL C 29 26.39 -17.08 -2.54
C VAL C 29 27.75 -17.67 -2.20
N ASP C 30 27.86 -18.28 -1.02
CA ASP C 30 29.13 -18.95 -0.62
C ASP C 30 29.51 -20.05 -1.58
N MSE C 31 28.55 -20.85 -2.04
CA MSE C 31 28.85 -21.89 -3.04
C MSE C 31 29.39 -21.25 -4.29
O MSE C 31 30.37 -21.77 -4.85
CB MSE C 31 27.58 -22.64 -3.43
CG MSE C 31 27.83 -23.79 -4.42
SE MSE C 31 26.08 -24.36 -5.21
CE MSE C 31 25.93 -22.70 -6.27
N LEU C 32 28.78 -20.15 -4.76
CA LEU C 32 29.22 -19.54 -6.04
C LEU C 32 30.64 -18.90 -5.86
N ASN C 33 30.86 -18.26 -4.71
CA ASN C 33 32.15 -17.62 -4.38
C ASN C 33 33.31 -18.62 -4.22
N SER C 34 33.04 -19.79 -3.66
CA SER C 34 34.12 -20.77 -3.44
C SER C 34 34.16 -21.85 -4.51
N ALA C 35 33.33 -21.78 -5.55
CA ALA C 35 33.27 -22.90 -6.53
C ALA C 35 34.65 -23.09 -7.08
N PRO C 36 35.18 -24.31 -7.04
CA PRO C 36 36.55 -24.49 -7.52
C PRO C 36 36.58 -24.86 -9.01
N VAL C 37 35.73 -24.22 -9.80
CA VAL C 37 35.68 -24.39 -11.24
C VAL C 37 35.74 -22.95 -11.71
N SER C 38 36.47 -22.70 -12.79
CA SER C 38 36.56 -21.36 -13.33
C SER C 38 35.30 -21.11 -14.14
N PHE C 39 34.78 -19.88 -14.03
CA PHE C 39 33.65 -19.44 -14.82
C PHE C 39 34.10 -18.66 -16.07
N GLU C 40 35.39 -18.70 -16.41
CA GLU C 40 35.92 -17.82 -17.48
C GLU C 40 35.20 -17.93 -18.83
N GLN C 41 34.86 -19.14 -19.26
CA GLN C 41 34.28 -19.32 -20.62
C GLN C 41 32.74 -19.23 -20.71
N VAL C 42 32.08 -18.92 -19.59
CA VAL C 42 30.62 -19.00 -19.47
C VAL C 42 30.09 -17.74 -18.77
N ASP C 43 29.08 -17.11 -19.37
CA ASP C 43 28.28 -16.11 -18.69
C ASP C 43 27.35 -16.81 -17.69
N VAL C 44 27.45 -16.50 -16.41
CA VAL C 44 26.59 -17.06 -15.43
C VAL C 44 25.68 -15.96 -14.86
N VAL C 45 24.37 -16.21 -14.81
CA VAL C 45 23.42 -15.26 -14.26
C VAL C 45 22.52 -15.99 -13.25
N VAL C 46 22.32 -15.41 -12.06
CA VAL C 46 21.41 -16.00 -11.05
C VAL C 46 20.25 -15.04 -10.74
N ALA C 47 19.05 -15.61 -10.62
CA ALA C 47 17.84 -14.88 -10.41
C ALA C 47 17.21 -15.24 -9.04
N PRO C 48 17.62 -14.54 -7.96
CA PRO C 48 16.99 -14.66 -6.66
C PRO C 48 15.61 -14.03 -6.64
N PRO C 49 14.76 -14.39 -5.66
CA PRO C 49 13.58 -13.63 -5.43
C PRO C 49 13.95 -12.19 -5.13
N SER C 50 13.07 -11.24 -5.50
CA SER C 50 13.44 -9.83 -5.44
C SER C 50 13.86 -9.39 -4.04
N LEU C 51 13.28 -9.99 -3.00
CA LEU C 51 13.65 -9.67 -1.60
C LEU C 51 15.13 -9.83 -1.23
N PHE C 52 15.80 -10.75 -1.91
CA PHE C 52 17.19 -11.21 -1.63
C PHE C 52 18.24 -10.71 -2.64
N ILE C 53 17.82 -10.01 -3.71
CA ILE C 53 18.74 -9.56 -4.70
C ILE C 53 19.80 -8.65 -4.11
N SER C 54 19.45 -7.69 -3.24
CA SER C 54 20.47 -6.77 -2.76
C SER C 54 21.51 -7.45 -1.89
N GLN C 55 21.11 -8.48 -1.14
CA GLN C 55 22.05 -9.30 -0.34
C GLN C 55 23.05 -10.04 -1.28
N VAL C 56 22.53 -10.57 -2.38
CA VAL C 56 23.40 -11.26 -3.33
C VAL C 56 24.36 -10.23 -3.97
N GLN C 57 23.83 -9.06 -4.38
CA GLN C 57 24.71 -7.98 -4.91
C GLN C 57 25.79 -7.55 -3.93
N ASP C 58 25.47 -7.52 -2.65
CA ASP C 58 26.48 -7.13 -1.63
C ASP C 58 27.58 -8.13 -1.37
N SER C 59 27.29 -9.42 -1.46
CA SER C 59 28.23 -10.47 -1.04
C SER C 59 28.82 -11.30 -2.17
N LEU C 60 28.28 -11.21 -3.38
CA LEU C 60 28.80 -12.02 -4.48
C LEU C 60 30.14 -11.37 -4.92
N ARG C 61 31.16 -12.23 -5.08
CA ARG C 61 32.46 -11.88 -5.64
C ARG C 61 33.15 -12.30 -6.90
N GLN C 62 32.47 -12.58 -8.00
CA GLN C 62 33.05 -13.33 -9.15
C GLN C 62 32.33 -12.18 -9.88
N PRO C 63 33.11 -11.29 -10.58
CA PRO C 63 32.42 -10.39 -11.54
C PRO C 63 31.72 -11.19 -12.66
N ARG C 64 32.24 -12.36 -12.98
CA ARG C 64 31.64 -13.26 -13.93
C ARG C 64 30.23 -13.74 -13.61
N VAL C 65 29.78 -13.65 -12.34
CA VAL C 65 28.36 -13.92 -12.01
C VAL C 65 27.58 -12.61 -11.91
N GLN C 66 26.48 -12.51 -12.65
CA GLN C 66 25.62 -11.36 -12.61
C GLN C 66 24.28 -11.71 -12.02
N VAL C 67 23.51 -10.70 -11.59
CA VAL C 67 22.21 -10.94 -10.97
C VAL C 67 21.07 -10.57 -11.91
N ALA C 68 19.94 -11.23 -11.72
CA ALA C 68 18.69 -10.98 -12.47
C ALA C 68 17.49 -10.89 -11.58
N ALA C 69 16.48 -10.12 -11.98
CA ALA C 69 15.18 -10.26 -11.40
C ALA C 69 14.42 -11.37 -12.19
N GLN C 70 13.43 -11.99 -11.55
CA GLN C 70 12.59 -13.03 -12.16
C GLN C 70 11.38 -12.52 -13.00
N ASP C 71 11.21 -11.20 -13.08
CA ASP C 71 10.07 -10.59 -13.78
C ASP C 71 10.39 -9.11 -13.77
N SER C 72 9.68 -8.37 -14.64
CA SER C 72 9.76 -6.92 -14.66
C SER C 72 8.48 -6.36 -15.28
N SER C 73 8.07 -5.18 -14.82
CA SER C 73 6.71 -4.70 -15.08
C SER C 73 6.53 -4.28 -16.58
N THR C 74 5.29 -4.39 -17.05
CA THR C 74 4.85 -3.69 -18.26
C THR C 74 4.97 -2.19 -18.10
N GLN C 75 4.96 -1.69 -16.88
CA GLN C 75 5.05 -0.26 -16.59
C GLN C 75 6.54 0.07 -16.52
N GLN C 76 7.00 0.90 -17.45
CA GLN C 76 8.39 1.07 -17.74
C GLN C 76 9.20 1.84 -16.71
N ALA C 77 8.62 2.88 -16.12
CA ALA C 77 9.34 3.88 -15.36
C ALA C 77 8.83 3.89 -13.90
N TYR C 78 9.00 5.00 -13.15
CA TYR C 78 8.50 5.11 -11.79
C TYR C 78 7.06 5.61 -11.75
N GLY C 79 6.30 5.14 -10.79
CA GLY C 79 4.97 5.69 -10.51
C GLY C 79 4.07 4.81 -9.70
N ALA C 80 2.77 4.97 -9.98
CA ALA C 80 1.70 4.45 -9.08
C ALA C 80 1.28 3.06 -9.53
N PHE C 81 2.18 2.10 -9.36
CA PHE C 81 2.05 0.73 -9.76
C PHE C 81 2.36 -0.16 -8.57
N THR C 82 1.43 -0.21 -7.63
CA THR C 82 1.62 -0.95 -6.36
C THR C 82 1.97 -2.42 -6.65
N GLY C 83 3.07 -2.87 -6.08
CA GLY C 83 3.48 -4.27 -6.19
C GLY C 83 4.28 -4.62 -7.41
N GLU C 84 4.57 -3.63 -8.25
CA GLU C 84 5.33 -3.80 -9.50
C GLU C 84 6.77 -3.23 -9.29
N LEU C 85 7.75 -3.96 -9.84
CA LEU C 85 9.12 -3.50 -10.06
C LEU C 85 9.28 -3.13 -11.56
N SER C 86 9.42 -1.84 -11.85
CA SER C 86 9.65 -1.38 -13.24
C SER C 86 11.11 -1.66 -13.74
N PRO C 87 11.28 -1.80 -15.07
CA PRO C 87 12.62 -2.02 -15.56
C PRO C 87 13.56 -0.84 -15.24
N LYS C 88 13.02 0.37 -15.19
CA LYS C 88 13.84 1.51 -14.82
C LYS C 88 14.37 1.39 -13.38
N MSE C 89 13.51 0.97 -12.46
CA MSE C 89 13.92 0.73 -11.05
C MSE C 89 15.00 -0.33 -10.99
O MSE C 89 15.99 -0.21 -10.23
CB MSE C 89 12.67 0.28 -10.25
CG MSE C 89 13.01 -0.03 -8.80
SE MSE C 89 11.46 -0.69 -7.81
CE MSE C 89 10.50 0.97 -7.54
N ILE C 90 14.76 -1.42 -11.75
CA ILE C 90 15.65 -2.59 -11.70
C ILE C 90 17.04 -2.14 -12.20
N LYS C 91 17.06 -1.44 -13.33
CA LYS C 91 18.31 -0.97 -13.91
C LYS C 91 19.07 -0.01 -12.96
N GLU C 92 18.35 0.95 -12.37
CA GLU C 92 18.95 1.91 -11.44
C GLU C 92 19.46 1.23 -10.15
N LYS C 93 18.91 0.08 -9.79
CA LYS C 93 19.43 -0.72 -8.69
C LYS C 93 20.65 -1.57 -9.14
N ASN C 94 21.16 -1.35 -10.35
CA ASN C 94 22.33 -2.09 -10.92
C ASN C 94 22.12 -3.58 -11.11
N ILE C 95 20.88 -3.97 -11.41
CA ILE C 95 20.55 -5.32 -11.78
C ILE C 95 20.59 -5.35 -13.33
N PRO C 96 21.51 -6.14 -13.94
CA PRO C 96 21.64 -6.05 -15.40
C PRO C 96 20.70 -6.95 -16.22
N TRP C 97 20.07 -7.97 -15.58
CA TRP C 97 19.28 -8.93 -16.31
C TRP C 97 17.89 -9.08 -15.73
N VAL C 98 16.96 -9.41 -16.62
CA VAL C 98 15.61 -9.87 -16.21
C VAL C 98 15.15 -11.12 -16.95
N VAL C 99 14.43 -11.99 -16.26
CA VAL C 99 13.76 -13.13 -16.85
C VAL C 99 12.32 -12.72 -17.18
N LEU C 100 11.88 -12.93 -18.43
CA LEU C 100 10.53 -12.55 -18.84
C LEU C 100 9.88 -13.68 -19.59
N GLY C 101 8.57 -13.79 -19.39
CA GLY C 101 7.76 -14.81 -20.02
C GLY C 101 7.98 -16.25 -19.62
N HIS C 102 8.47 -16.49 -18.37
CA HIS C 102 8.51 -17.81 -17.85
C HIS C 102 7.12 -18.44 -17.94
N SER C 103 7.06 -19.73 -18.25
N SER C 103 7.07 -19.73 -18.25
CA SER C 103 5.75 -20.37 -18.43
CA SER C 103 5.80 -20.45 -18.40
C SER C 103 4.90 -20.33 -17.16
C SER C 103 4.90 -20.34 -17.16
N GLU C 104 5.53 -20.30 -15.97
CA GLU C 104 4.76 -20.14 -14.75
C GLU C 104 3.94 -18.81 -14.75
N ARG C 105 4.54 -17.74 -15.28
CA ARG C 105 3.90 -16.43 -15.36
C ARG C 105 2.97 -16.32 -16.54
N ARG C 106 3.26 -17.02 -17.63
CA ARG C 106 2.31 -17.07 -18.77
C ARG C 106 1.05 -17.81 -18.35
N ALA C 107 1.16 -18.82 -17.50
CA ALA C 107 -0.04 -19.58 -17.08
C ALA C 107 -0.85 -18.82 -16.03
N GLY C 108 -0.18 -18.06 -15.18
CA GLY C 108 -0.87 -17.31 -14.15
C GLY C 108 -1.00 -18.07 -12.86
N PHE C 109 -1.36 -17.33 -11.82
CA PHE C 109 -1.42 -17.85 -10.46
C PHE C 109 -2.73 -17.67 -9.75
N GLY C 110 -3.21 -18.77 -9.15
CA GLY C 110 -4.31 -18.70 -8.17
C GLY C 110 -5.65 -18.24 -8.79
N GLY C 111 -5.82 -18.46 -10.10
CA GLY C 111 -7.06 -18.03 -10.79
C GLY C 111 -6.90 -16.66 -11.51
N GLN C 112 -5.80 -15.93 -11.29
CA GLN C 112 -5.60 -14.68 -12.00
C GLN C 112 -5.10 -15.04 -13.40
N PRO C 113 -5.63 -14.43 -14.44
CA PRO C 113 -5.08 -14.73 -15.77
C PRO C 113 -3.58 -14.42 -15.84
N GLY C 114 -2.83 -15.25 -16.58
CA GLY C 114 -1.40 -15.03 -16.79
C GLY C 114 -1.12 -14.01 -17.89
N GLU C 115 0.15 -13.91 -18.22
CA GLU C 115 0.67 -12.96 -19.22
C GLU C 115 0.52 -13.55 -20.61
N SER C 116 -0.24 -12.88 -21.47
CA SER C 116 -0.30 -13.27 -22.87
C SER C 116 1.00 -13.00 -23.63
N ASN C 117 1.08 -13.52 -24.86
CA ASN C 117 2.21 -13.24 -25.73
C ASN C 117 2.42 -11.76 -25.83
N GLN C 118 1.34 -11.00 -25.95
CA GLN C 118 1.42 -9.53 -26.10
C GLN C 118 1.91 -8.83 -24.85
N VAL C 119 1.45 -9.27 -23.67
CA VAL C 119 1.97 -8.73 -22.39
C VAL C 119 3.44 -9.00 -22.19
N VAL C 120 3.87 -10.23 -22.47
CA VAL C 120 5.29 -10.56 -22.37
C VAL C 120 6.09 -9.65 -23.32
N ALA C 121 5.61 -9.48 -24.56
CA ALA C 121 6.30 -8.65 -25.50
C ALA C 121 6.43 -7.18 -25.00
N LYS C 122 5.34 -6.65 -24.43
CA LYS C 122 5.40 -5.34 -23.83
C LYS C 122 6.45 -5.24 -22.70
N LYS C 123 6.55 -6.27 -21.86
CA LYS C 123 7.58 -6.30 -20.85
C LYS C 123 8.98 -6.30 -21.47
N VAL C 124 9.17 -7.11 -22.53
CA VAL C 124 10.48 -7.17 -23.19
C VAL C 124 10.89 -5.76 -23.74
N ARG C 125 9.97 -5.13 -24.47
CA ARG C 125 10.23 -3.82 -25.05
C ARG C 125 10.63 -2.80 -23.94
N ALA C 126 9.86 -2.79 -22.84
CA ALA C 126 10.10 -1.86 -21.77
C ALA C 126 11.48 -2.08 -21.12
N ALA C 127 11.83 -3.37 -20.95
CA ALA C 127 13.11 -3.73 -20.36
C ALA C 127 14.28 -3.30 -21.24
N LEU C 128 14.19 -3.63 -22.54
CA LEU C 128 15.26 -3.23 -23.47
C LEU C 128 15.37 -1.71 -23.58
N ASN C 129 14.23 -0.99 -23.61
CA ASN C 129 14.26 0.47 -23.60
C ASN C 129 15.05 1.03 -22.43
N GLU C 130 15.04 0.38 -21.27
CA GLU C 130 15.75 0.88 -20.11
C GLU C 130 17.17 0.31 -19.96
N GLY C 131 17.70 -0.31 -21.00
CA GLY C 131 19.08 -0.81 -20.96
C GLY C 131 19.29 -2.17 -20.33
N LEU C 132 18.22 -2.94 -20.04
CA LEU C 132 18.41 -4.26 -19.46
C LEU C 132 18.72 -5.28 -20.56
N SER C 133 19.37 -6.38 -20.17
CA SER C 133 19.38 -7.62 -20.97
C SER C 133 18.26 -8.56 -20.46
N VAL C 134 17.72 -9.38 -21.35
CA VAL C 134 16.53 -10.13 -21.13
C VAL C 134 16.74 -11.62 -21.43
N ILE C 135 16.38 -12.48 -20.49
CA ILE C 135 16.20 -13.89 -20.76
C ILE C 135 14.74 -14.09 -21.13
N LEU C 136 14.48 -14.22 -22.43
CA LEU C 136 13.15 -14.41 -22.93
C LEU C 136 12.77 -15.89 -22.99
N CYS C 137 11.76 -16.31 -22.22
CA CYS C 137 11.35 -17.69 -22.13
C CYS C 137 10.22 -18.01 -23.15
N ILE C 138 10.35 -19.12 -23.85
CA ILE C 138 9.33 -19.61 -24.79
C ILE C 138 9.20 -21.11 -24.62
N GLY C 139 8.12 -21.71 -25.10
CA GLY C 139 7.98 -23.12 -25.01
C GLY C 139 6.56 -23.61 -25.22
N GLU C 140 6.43 -24.83 -25.70
CA GLU C 140 5.15 -25.45 -25.99
C GLU C 140 4.74 -26.43 -24.90
N THR C 141 3.45 -26.74 -24.87
CA THR C 141 2.86 -27.71 -23.92
C THR C 141 3.02 -29.09 -24.45
N LEU C 142 2.77 -30.08 -23.59
CA LEU C 142 2.81 -31.49 -24.07
C LEU C 142 1.80 -31.68 -25.18
N GLU C 143 0.58 -31.18 -25.01
CA GLU C 143 -0.45 -31.31 -26.05
C GLU C 143 -0.03 -30.66 -27.36
N GLU C 144 0.55 -29.46 -27.28
CA GLU C 144 1.05 -28.75 -28.48
C GLU C 144 2.15 -29.56 -29.17
N ARG C 145 3.05 -30.13 -28.40
CA ARG C 145 4.13 -30.96 -28.95
C ARG C 145 3.57 -32.17 -29.71
N GLU C 146 2.68 -32.91 -29.05
CA GLU C 146 2.16 -34.17 -29.58
C GLU C 146 1.19 -33.96 -30.73
N SER C 147 0.57 -32.82 -30.86
CA SER C 147 -0.28 -32.51 -32.00
C SER C 147 0.46 -31.79 -33.18
N GLY C 148 1.80 -31.78 -33.16
CA GLY C 148 2.59 -31.16 -34.22
C GLY C 148 2.63 -29.61 -34.27
N GLN C 149 2.27 -28.91 -33.19
CA GLN C 149 2.16 -27.45 -33.19
C GLN C 149 3.39 -26.69 -32.63
N THR C 150 4.47 -27.38 -32.28
CA THR C 150 5.64 -26.73 -31.62
C THR C 150 6.11 -25.50 -32.40
N GLN C 151 6.37 -25.65 -33.69
CA GLN C 151 6.94 -24.55 -34.46
C GLN C 151 5.92 -23.39 -34.57
N LYS C 152 4.63 -23.69 -34.74
CA LYS C 152 3.57 -22.68 -34.79
C LYS C 152 3.55 -21.87 -33.47
N VAL C 153 3.59 -22.57 -32.35
CA VAL C 153 3.50 -21.95 -31.03
C VAL C 153 4.75 -21.10 -30.75
N LEU C 154 5.91 -21.64 -30.98
CA LEU C 154 7.15 -20.88 -30.73
C LEU C 154 7.23 -19.64 -31.64
N SER C 155 6.81 -19.77 -32.89
CA SER C 155 6.78 -18.65 -33.79
C SER C 155 5.83 -17.55 -33.31
N GLU C 156 4.65 -17.90 -32.79
CA GLU C 156 3.67 -16.95 -32.26
C GLU C 156 4.31 -16.20 -31.08
N GLN C 157 4.96 -16.93 -30.18
CA GLN C 157 5.58 -16.29 -29.00
C GLN C 157 6.70 -15.31 -29.41
N LEU C 158 7.53 -15.73 -30.34
CA LEU C 158 8.59 -14.88 -30.87
C LEU C 158 8.10 -13.74 -31.72
N GLU C 159 7.11 -13.98 -32.57
CA GLU C 159 6.53 -12.94 -33.42
C GLU C 159 5.89 -11.80 -32.61
N ALA C 160 5.21 -12.10 -31.51
CA ALA C 160 4.64 -11.05 -30.66
C ALA C 160 5.79 -10.18 -30.12
N VAL C 161 6.91 -10.76 -29.75
CA VAL C 161 8.05 -9.97 -29.31
C VAL C 161 8.63 -9.13 -30.41
N ARG C 162 8.76 -9.69 -31.62
CA ARG C 162 9.23 -8.89 -32.79
C ARG C 162 8.32 -7.71 -33.09
N GLN C 163 7.00 -7.87 -32.98
CA GLN C 163 6.06 -6.75 -33.26
C GLN C 163 6.28 -5.58 -32.30
N ALA C 164 6.59 -5.89 -31.05
CA ALA C 164 6.94 -4.86 -30.06
C ALA C 164 8.39 -4.39 -30.15
N VAL C 165 9.28 -5.23 -30.64
CA VAL C 165 10.70 -4.90 -30.77
C VAL C 165 11.12 -5.20 -32.24
N PRO C 166 10.66 -4.35 -33.20
CA PRO C 166 10.92 -4.66 -34.56
C PRO C 166 12.37 -4.38 -35.02
N GLU C 167 13.12 -3.55 -34.26
CA GLU C 167 14.50 -3.25 -34.66
C GLU C 167 15.43 -4.39 -34.31
N ALA C 168 16.13 -4.90 -35.30
CA ALA C 168 17.04 -6.04 -35.11
C ALA C 168 18.19 -5.70 -34.17
N ASP C 169 18.68 -4.43 -34.15
CA ASP C 169 19.76 -4.07 -33.24
C ASP C 169 19.43 -4.34 -31.74
N ALA C 170 18.16 -4.15 -31.37
CA ALA C 170 17.75 -4.31 -29.97
C ALA C 170 17.89 -5.74 -29.49
N TRP C 171 17.78 -6.71 -30.43
CA TRP C 171 17.88 -8.11 -30.14
C TRP C 171 19.28 -8.55 -29.64
N LYS C 172 20.29 -7.67 -29.76
CA LYS C 172 21.61 -7.96 -29.19
C LYS C 172 21.60 -8.32 -27.70
N SER C 173 20.66 -7.77 -26.94
CA SER C 173 20.61 -7.99 -25.51
C SER C 173 19.54 -9.02 -25.07
N ILE C 174 19.10 -9.86 -26.01
CA ILE C 174 18.19 -10.97 -25.75
C ILE C 174 18.95 -12.29 -25.80
N VAL C 175 18.66 -13.13 -24.80
CA VAL C 175 19.01 -14.56 -24.78
C VAL C 175 17.65 -15.28 -24.75
N ILE C 176 17.47 -16.27 -25.62
CA ILE C 176 16.22 -16.98 -25.68
C ILE C 176 16.37 -18.28 -24.83
N ALA C 177 15.43 -18.51 -23.90
CA ALA C 177 15.41 -19.75 -23.17
C ALA C 177 14.27 -20.61 -23.68
N TYR C 178 14.61 -21.75 -24.29
CA TYR C 178 13.61 -22.66 -24.80
C TYR C 178 13.35 -23.65 -23.65
N GLU C 179 12.15 -23.58 -23.04
CA GLU C 179 11.76 -24.52 -21.99
C GLU C 179 10.45 -25.20 -22.37
N PRO C 180 10.50 -26.41 -22.90
CA PRO C 180 9.21 -27.06 -23.11
C PRO C 180 8.47 -27.23 -21.79
N VAL C 181 7.18 -26.91 -21.80
CA VAL C 181 6.43 -26.86 -20.53
C VAL C 181 6.41 -28.23 -19.87
N TRP C 182 6.34 -29.27 -20.69
CA TRP C 182 6.35 -30.66 -20.25
C TRP C 182 7.62 -31.12 -19.56
N ALA C 183 8.72 -30.39 -19.73
CA ALA C 183 10.00 -30.64 -19.02
C ALA C 183 10.20 -29.88 -17.72
N ILE C 184 9.32 -28.92 -17.40
CA ILE C 184 9.53 -28.05 -16.25
C ILE C 184 9.04 -28.74 -14.95
N GLY C 185 9.99 -29.05 -14.06
CA GLY C 185 9.69 -29.70 -12.80
C GLY C 185 9.23 -31.14 -12.83
N THR C 186 9.21 -31.77 -14.00
CA THR C 186 8.64 -33.11 -14.17
C THR C 186 9.71 -34.22 -14.17
N GLY C 187 10.98 -33.86 -14.30
CA GLY C 187 12.04 -34.80 -14.57
C GLY C 187 12.12 -35.27 -16.03
N LYS C 188 11.22 -34.82 -16.90
CA LYS C 188 11.20 -35.31 -18.28
C LYS C 188 12.04 -34.37 -19.14
N THR C 189 13.36 -34.42 -19.00
CA THR C 189 14.29 -33.61 -19.79
C THR C 189 14.13 -33.92 -21.26
N ALA C 190 14.08 -32.89 -22.11
CA ALA C 190 14.22 -33.13 -23.55
C ALA C 190 15.48 -33.95 -23.85
N THR C 191 15.38 -34.85 -24.83
CA THR C 191 16.58 -35.56 -25.33
C THR C 191 17.50 -34.51 -25.95
N ALA C 192 18.79 -34.84 -26.06
CA ALA C 192 19.75 -33.95 -26.71
C ALA C 192 19.34 -33.67 -28.15
N ALA C 193 18.84 -34.71 -28.85
CA ALA C 193 18.39 -34.57 -30.22
C ALA C 193 17.20 -33.62 -30.35
N LEU C 194 16.17 -33.74 -29.51
CA LEU C 194 14.97 -32.85 -29.57
C LEU C 194 15.34 -31.40 -29.31
N ALA C 195 16.20 -31.17 -28.32
CA ALA C 195 16.60 -29.83 -27.97
C ALA C 195 17.39 -29.22 -29.14
N GLN C 196 18.37 -29.92 -29.68
CA GLN C 196 19.16 -29.40 -30.79
C GLN C 196 18.26 -29.08 -32.00
N GLU C 197 17.33 -29.99 -32.36
CA GLU C 197 16.41 -29.75 -33.46
C GLU C 197 15.57 -28.48 -33.24
N THR C 198 14.98 -28.32 -32.07
CA THR C 198 14.09 -27.20 -31.83
C THR C 198 14.88 -25.92 -31.73
N HIS C 199 16.09 -25.96 -31.12
CA HIS C 199 16.90 -24.76 -31.06
C HIS C 199 17.29 -24.29 -32.49
N ARG C 200 17.59 -25.23 -33.37
CA ARG C 200 17.87 -24.87 -34.76
C ARG C 200 16.62 -24.28 -35.48
N ASP C 201 15.42 -24.78 -35.20
CA ASP C 201 14.18 -24.22 -35.73
C ASP C 201 13.99 -22.76 -35.23
N ILE C 202 14.29 -22.52 -33.97
CA ILE C 202 14.22 -21.21 -33.38
C ILE C 202 15.22 -20.27 -34.10
N ARG C 203 16.42 -20.77 -34.35
CA ARG C 203 17.46 -19.96 -35.03
C ARG C 203 17.08 -19.70 -36.50
N ASN C 204 16.42 -20.65 -37.19
CA ASN C 204 15.98 -20.46 -38.54
C ASN C 204 14.86 -19.38 -38.53
N TRP C 205 14.02 -19.38 -37.48
CA TRP C 205 13.04 -18.31 -37.35
C TRP C 205 13.70 -16.93 -37.26
N LEU C 206 14.72 -16.80 -36.39
CA LEU C 206 15.43 -15.53 -36.21
C LEU C 206 16.00 -15.05 -37.55
N ALA C 207 16.59 -15.98 -38.33
CA ALA C 207 17.27 -15.60 -39.54
C ALA C 207 16.31 -15.05 -40.59
N GLN C 208 15.12 -15.64 -40.73
CA GLN C 208 14.16 -15.23 -41.74
C GLN C 208 13.33 -14.01 -41.27
N ALA C 209 12.92 -13.97 -40.00
CA ALA C 209 12.02 -12.92 -39.49
C ALA C 209 12.74 -11.68 -38.96
N VAL C 210 13.94 -11.83 -38.42
CA VAL C 210 14.68 -10.73 -37.87
C VAL C 210 15.88 -10.43 -38.75
N SER C 211 16.96 -11.21 -38.68
CA SER C 211 18.09 -11.10 -39.59
C SER C 211 19.06 -12.26 -39.38
N PRO C 212 19.83 -12.60 -40.42
CA PRO C 212 20.89 -13.61 -40.22
C PRO C 212 21.91 -13.25 -39.11
N LYS C 213 22.20 -11.95 -38.95
CA LYS C 213 23.12 -11.54 -37.90
C LYS C 213 22.58 -11.88 -36.48
N VAL C 214 21.31 -11.57 -36.25
CA VAL C 214 20.66 -11.83 -34.99
C VAL C 214 20.62 -13.35 -34.79
N ALA C 215 20.34 -14.10 -35.84
CA ALA C 215 20.32 -15.56 -35.73
C ALA C 215 21.67 -16.14 -35.26
N GLU C 216 22.76 -15.66 -35.81
CA GLU C 216 24.10 -16.13 -35.44
C GLU C 216 24.56 -15.70 -34.05
N ALA C 217 24.14 -14.54 -33.59
CA ALA C 217 24.61 -14.00 -32.32
C ALA C 217 23.78 -14.37 -31.12
N THR C 218 22.50 -14.73 -31.32
CA THR C 218 21.61 -14.88 -30.16
C THR C 218 21.89 -16.19 -29.46
N ARG C 219 22.21 -16.15 -28.16
CA ARG C 219 22.26 -17.40 -27.40
C ARG C 219 20.84 -17.99 -27.27
N VAL C 220 20.71 -19.27 -27.59
CA VAL C 220 19.49 -20.04 -27.32
C VAL C 220 19.84 -21.11 -26.29
N ILE C 221 19.31 -20.97 -25.09
CA ILE C 221 19.60 -21.86 -23.97
C ILE C 221 18.42 -22.79 -23.67
N TYR C 222 18.75 -24.01 -23.22
CA TYR C 222 17.72 -25.02 -22.94
C TYR C 222 17.38 -25.03 -21.44
N GLY C 223 16.09 -25.12 -21.09
CA GLY C 223 15.73 -25.40 -19.70
C GLY C 223 14.59 -26.38 -19.62
N GLY C 224 14.42 -26.98 -18.43
CA GLY C 224 13.40 -28.02 -18.22
C GLY C 224 14.09 -29.27 -17.76
N SER C 225 14.20 -29.38 -16.45
CA SER C 225 14.83 -30.53 -15.81
C SER C 225 16.29 -30.71 -16.23
N VAL C 226 17.03 -29.60 -16.21
CA VAL C 226 18.50 -29.65 -16.45
C VAL C 226 19.17 -30.12 -15.17
N LYS C 227 20.08 -31.08 -15.32
CA LYS C 227 20.85 -31.62 -14.22
C LYS C 227 22.33 -31.78 -14.64
N GLY C 228 23.21 -31.83 -13.63
CA GLY C 228 24.62 -32.12 -13.90
C GLY C 228 24.79 -33.39 -14.75
N SER C 229 23.95 -34.40 -14.54
CA SER C 229 24.05 -35.68 -15.20
C SER C 229 23.59 -35.70 -16.67
N ASN C 230 22.83 -34.71 -17.10
CA ASN C 230 22.35 -34.60 -18.50
C ASN C 230 22.90 -33.39 -19.30
N ALA C 231 23.61 -32.46 -18.66
CA ALA C 231 23.98 -31.19 -19.32
C ALA C 231 25.04 -31.33 -20.43
N LYS C 232 26.03 -32.18 -20.17
CA LYS C 232 27.10 -32.38 -21.12
C LYS C 232 26.60 -32.89 -22.45
N GLU C 233 25.73 -33.87 -22.45
CA GLU C 233 25.18 -34.39 -23.67
C GLU C 233 24.33 -33.31 -24.38
N LEU C 234 23.49 -32.62 -23.63
CA LEU C 234 22.68 -31.55 -24.22
C LEU C 234 23.51 -30.49 -24.93
N PHE C 235 24.65 -30.12 -24.33
CA PHE C 235 25.52 -29.07 -24.84
C PHE C 235 26.34 -29.44 -26.08
N GLU C 236 26.38 -30.73 -26.45
CA GLU C 236 26.99 -31.13 -27.70
C GLU C 236 26.24 -30.55 -28.89
N GLY C 237 24.96 -30.19 -28.77
CA GLY C 237 24.25 -29.58 -29.89
C GLY C 237 24.85 -28.22 -30.26
N GLU C 238 25.11 -28.06 -31.54
CA GLU C 238 25.66 -26.84 -32.10
C GLU C 238 24.79 -25.59 -31.82
N ASP C 239 23.48 -25.77 -31.73
CA ASP C 239 22.53 -24.66 -31.47
C ASP C 239 22.08 -24.52 -29.99
N VAL C 240 22.64 -25.34 -29.12
CA VAL C 240 22.36 -25.30 -27.68
C VAL C 240 23.50 -24.55 -27.03
N ASP C 241 23.24 -23.30 -26.63
CA ASP C 241 24.31 -22.38 -26.18
C ASP C 241 24.49 -22.34 -24.66
N GLY C 242 23.73 -23.17 -23.97
CA GLY C 242 23.77 -23.25 -22.50
C GLY C 242 22.43 -23.62 -21.92
N PHE C 243 22.19 -23.21 -20.69
CA PHE C 243 21.05 -23.70 -19.93
C PHE C 243 20.33 -22.63 -19.09
N LEU C 244 19.02 -22.80 -18.94
CA LEU C 244 18.29 -22.14 -17.85
C LEU C 244 17.91 -23.20 -16.84
N VAL C 245 18.43 -23.10 -15.65
CA VAL C 245 18.39 -24.15 -14.65
C VAL C 245 17.43 -23.68 -13.54
N GLY C 246 16.46 -24.51 -13.23
CA GLY C 246 15.50 -24.29 -12.21
C GLY C 246 15.91 -24.92 -10.89
N GLY C 247 15.26 -26.02 -10.49
CA GLY C 247 15.50 -26.63 -9.17
C GLY C 247 16.99 -26.92 -8.87
N ALA C 248 17.78 -27.33 -9.88
CA ALA C 248 19.22 -27.56 -9.64
C ALA C 248 20.00 -26.28 -9.35
N SER C 249 19.43 -25.11 -9.53
CA SER C 249 20.14 -23.84 -9.20
C SER C 249 20.23 -23.59 -7.71
N LEU C 250 19.46 -24.36 -6.92
CA LEU C 250 19.44 -24.27 -5.44
C LEU C 250 20.39 -25.21 -4.78
N THR C 251 21.16 -25.98 -5.53
CA THR C 251 22.09 -27.01 -4.97
C THR C 251 23.43 -26.94 -5.63
N GLY C 252 24.35 -27.75 -5.08
CA GLY C 252 25.68 -27.96 -5.65
C GLY C 252 25.75 -28.38 -7.09
N ASP C 253 24.68 -29.02 -7.56
CA ASP C 253 24.57 -29.49 -8.94
C ASP C 253 24.68 -28.35 -9.94
N PHE C 254 24.34 -27.13 -9.53
CA PHE C 254 24.45 -25.94 -10.37
C PHE C 254 25.87 -25.78 -10.88
N VAL C 255 26.84 -26.01 -10.01
CA VAL C 255 28.23 -25.86 -10.43
C VAL C 255 28.64 -26.95 -11.48
N SER C 256 28.13 -28.17 -11.35
CA SER C 256 28.35 -29.17 -12.40
C SER C 256 27.76 -28.75 -13.75
N ILE C 257 26.61 -28.06 -13.74
CA ILE C 257 25.99 -27.63 -15.00
C ILE C 257 26.83 -26.56 -15.66
N ILE C 258 27.34 -25.61 -14.88
CA ILE C 258 28.25 -24.58 -15.39
C ILE C 258 29.46 -25.21 -16.05
N ASP C 259 30.05 -26.17 -15.39
CA ASP C 259 31.19 -26.90 -15.92
C ASP C 259 30.88 -27.63 -17.25
N ALA C 260 29.65 -28.12 -17.42
CA ALA C 260 29.24 -28.72 -18.70
C ALA C 260 29.15 -27.79 -19.90
N ALA C 261 28.88 -26.49 -19.66
CA ALA C 261 28.73 -25.51 -20.75
C ALA C 261 30.06 -24.94 -21.34
N LYS C 262 31.01 -25.84 -21.66
CA LYS C 262 32.17 -25.54 -22.63
C LYS C 262 32.46 -26.74 -23.58
N GLN C 263 33.14 -26.59 -24.75
CA GLN C 263 33.31 -27.78 -25.66
C GLN C 263 34.25 -28.83 -25.08
N ALA D 7 -2.82 25.92 -24.84
CA ALA D 7 -3.66 24.89 -24.20
C ALA D 7 -5.13 25.33 -24.11
N ARG D 8 -6.02 24.66 -24.84
CA ARG D 8 -7.43 25.00 -24.70
C ARG D 8 -7.92 24.27 -23.48
N ARG D 9 -8.55 25.00 -22.58
CA ARG D 9 -9.25 24.44 -21.46
C ARG D 9 -10.44 23.52 -21.89
N GLY D 10 -10.53 22.35 -21.30
CA GLY D 10 -11.62 21.40 -21.52
C GLY D 10 -12.97 22.03 -21.20
N PHE D 11 -14.03 21.57 -21.90
CA PHE D 11 -15.36 22.13 -21.71
C PHE D 11 -16.39 21.05 -21.77
N VAL D 12 -17.24 20.98 -20.76
CA VAL D 12 -18.38 20.02 -20.80
C VAL D 12 -19.67 20.80 -20.53
N GLY D 13 -20.60 20.75 -21.52
CA GLY D 13 -21.91 21.30 -21.36
C GLY D 13 -22.91 20.21 -21.14
N GLY D 14 -23.94 20.50 -20.31
CA GLY D 14 -25.01 19.55 -20.06
C GLY D 14 -26.33 20.22 -20.48
N ASN D 15 -26.95 19.71 -21.51
CA ASN D 15 -28.19 20.28 -22.06
C ASN D 15 -29.30 19.37 -21.53
N TRP D 16 -30.06 19.90 -20.58
CA TRP D 16 -31.15 19.12 -19.95
C TRP D 16 -32.32 18.98 -20.91
N LYS D 17 -32.36 19.81 -21.97
CA LYS D 17 -33.47 19.80 -22.88
C LYS D 17 -34.81 20.01 -22.13
N CYS D 18 -35.90 19.44 -22.62
CA CYS D 18 -37.23 19.69 -22.07
C CYS D 18 -37.52 18.59 -21.03
N ASN D 19 -36.73 18.66 -19.97
CA ASN D 19 -36.76 17.73 -18.84
C ASN D 19 -36.46 18.57 -17.60
N GLY D 20 -37.28 18.39 -16.59
CA GLY D 20 -37.07 19.12 -15.33
C GLY D 20 -38.31 19.27 -14.53
N THR D 21 -38.17 19.09 -13.23
CA THR D 21 -39.13 19.48 -12.22
C THR D 21 -38.33 20.11 -11.04
N THR D 22 -39.05 20.70 -10.10
CA THR D 22 -38.40 21.33 -8.96
C THR D 22 -37.52 20.28 -8.20
N ALA D 23 -38.06 19.08 -7.99
CA ALA D 23 -37.32 18.05 -7.26
C ALA D 23 -36.14 17.48 -8.07
N LYS D 24 -36.32 17.29 -9.38
CA LYS D 24 -35.22 16.75 -10.19
C LYS D 24 -34.12 17.79 -10.34
N THR D 25 -34.50 19.06 -10.40
CA THR D 25 -33.50 20.13 -10.42
C THR D 25 -32.66 20.11 -9.13
N GLN D 26 -33.30 19.91 -7.99
CA GLN D 26 -32.62 19.86 -6.71
C GLN D 26 -31.65 18.68 -6.68
N GLU D 27 -32.12 17.54 -7.15
CA GLU D 27 -31.26 16.35 -7.24
C GLU D 27 -30.03 16.58 -8.10
N LEU D 28 -30.23 17.19 -9.28
CA LEU D 28 -29.10 17.46 -10.16
C LEU D 28 -28.12 18.45 -9.54
N VAL D 29 -28.63 19.46 -8.88
CA VAL D 29 -27.76 20.46 -8.26
C VAL D 29 -26.98 19.77 -7.09
N ASP D 30 -27.66 18.95 -6.28
CA ASP D 30 -26.97 18.20 -5.22
C ASP D 30 -25.86 17.28 -5.81
N MSE D 31 -26.13 16.63 -6.95
CA MSE D 31 -25.11 15.82 -7.59
C MSE D 31 -23.92 16.67 -7.99
O MSE D 31 -22.79 16.28 -7.81
CB MSE D 31 -25.68 15.16 -8.83
CG MSE D 31 -24.75 14.25 -9.57
SE MSE D 31 -25.44 14.07 -11.45
CE MSE D 31 -24.21 15.59 -11.70
N LEU D 32 -24.17 17.85 -8.54
CA LEU D 32 -23.07 18.72 -9.01
C LEU D 32 -22.25 19.27 -7.81
N ASN D 33 -22.96 19.62 -6.73
CA ASN D 33 -22.34 20.13 -5.48
C ASN D 33 -21.48 19.08 -4.75
N SER D 34 -21.89 17.81 -4.76
CA SER D 34 -21.12 16.76 -4.07
C SER D 34 -20.21 15.96 -5.03
N ALA D 35 -20.11 16.33 -6.29
CA ALA D 35 -19.41 15.51 -7.28
C ALA D 35 -17.99 15.25 -6.82
N PRO D 36 -17.60 13.97 -6.75
CA PRO D 36 -16.28 13.67 -6.26
C PRO D 36 -15.25 13.61 -7.43
N VAL D 37 -15.28 14.63 -8.26
CA VAL D 37 -14.19 14.91 -9.20
C VAL D 37 -13.77 16.33 -8.86
N SER D 38 -12.52 16.71 -9.10
N SER D 38 -12.52 16.70 -9.13
CA SER D 38 -12.15 18.13 -9.14
CA SER D 38 -12.15 18.12 -9.12
C SER D 38 -12.66 18.70 -10.48
C SER D 38 -12.56 18.73 -10.49
N PHE D 39 -13.17 19.90 -10.44
CA PHE D 39 -13.56 20.64 -11.61
C PHE D 39 -12.45 21.64 -12.05
N GLU D 40 -11.27 21.58 -11.41
CA GLU D 40 -10.26 22.61 -11.65
C GLU D 40 -9.82 22.78 -13.13
N GLN D 41 -9.66 21.70 -13.86
CA GLN D 41 -9.12 21.74 -15.22
C GLN D 41 -10.19 21.85 -16.33
N VAL D 42 -11.46 21.97 -15.98
CA VAL D 42 -12.58 21.86 -16.95
C VAL D 42 -13.65 22.91 -16.66
N ASP D 43 -14.06 23.63 -17.68
CA ASP D 43 -15.24 24.50 -17.62
C ASP D 43 -16.47 23.61 -17.73
N VAL D 44 -17.36 23.69 -16.76
CA VAL D 44 -18.61 23.00 -16.80
C VAL D 44 -19.75 24.00 -16.94
N VAL D 45 -20.66 23.75 -17.90
CA VAL D 45 -21.86 24.57 -18.01
C VAL D 45 -23.10 23.67 -18.06
N VAL D 46 -24.16 24.02 -17.31
CA VAL D 46 -25.43 23.31 -17.40
C VAL D 46 -26.55 24.21 -17.86
N ALA D 47 -27.44 23.60 -18.69
CA ALA D 47 -28.52 24.36 -19.34
C ALA D 47 -29.88 23.75 -18.92
N PRO D 48 -30.44 24.23 -17.78
CA PRO D 48 -31.79 23.85 -17.38
C PRO D 48 -32.83 24.50 -18.25
N PRO D 49 -34.08 23.98 -18.26
CA PRO D 49 -35.18 24.72 -18.85
C PRO D 49 -35.29 26.06 -18.14
N SER D 50 -35.74 27.09 -18.88
CA SER D 50 -35.71 28.46 -18.36
C SER D 50 -36.47 28.63 -17.01
N LEU D 51 -37.53 27.82 -16.81
CA LEU D 51 -38.30 27.83 -15.57
C LEU D 51 -37.52 27.57 -14.29
N PHE D 52 -36.45 26.78 -14.39
CA PHE D 52 -35.61 26.27 -13.29
C PHE D 52 -34.25 26.97 -13.13
N ILE D 53 -33.91 27.92 -14.03
CA ILE D 53 -32.60 28.55 -13.97
C ILE D 53 -32.34 29.22 -12.65
N SER D 54 -33.28 30.00 -12.15
CA SER D 54 -33.07 30.76 -10.93
C SER D 54 -32.85 29.86 -9.70
N GLN D 55 -33.53 28.71 -9.65
CA GLN D 55 -33.33 27.72 -8.58
C GLN D 55 -31.91 27.15 -8.63
N VAL D 56 -31.42 26.87 -9.82
CA VAL D 56 -30.05 26.38 -9.99
C VAL D 56 -29.06 27.49 -9.53
N GLN D 57 -29.27 28.73 -9.98
CA GLN D 57 -28.46 29.88 -9.52
C GLN D 57 -28.47 30.05 -8.00
N ASP D 58 -29.58 29.83 -7.35
CA ASP D 58 -29.66 29.95 -5.88
C ASP D 58 -28.95 28.87 -5.08
N SER D 59 -28.92 27.62 -5.60
CA SER D 59 -28.43 26.48 -4.82
C SER D 59 -27.10 25.90 -5.28
N LEU D 60 -26.62 26.28 -6.45
CA LEU D 60 -25.35 25.75 -6.94
C LEU D 60 -24.22 26.38 -6.14
N ARG D 61 -23.29 25.53 -5.66
CA ARG D 61 -22.22 25.86 -4.68
C ARG D 61 -20.87 25.32 -5.22
N GLN D 62 -20.72 25.31 -6.51
CA GLN D 62 -19.53 24.81 -7.21
C GLN D 62 -19.24 26.05 -8.09
N PRO D 63 -18.18 26.84 -7.75
CA PRO D 63 -17.89 28.02 -8.59
C PRO D 63 -17.60 27.66 -10.05
N ARG D 64 -16.97 26.51 -10.21
CA ARG D 64 -16.56 26.04 -11.52
C ARG D 64 -17.72 25.67 -12.44
N VAL D 65 -18.94 25.52 -11.90
CA VAL D 65 -20.12 25.29 -12.75
C VAL D 65 -20.87 26.64 -12.99
N GLN D 66 -21.16 26.92 -14.27
CA GLN D 66 -21.95 28.05 -14.63
C GLN D 66 -23.28 27.60 -15.24
N VAL D 67 -24.26 28.52 -15.34
CA VAL D 67 -25.55 28.16 -15.92
C VAL D 67 -25.75 28.76 -17.32
N ALA D 68 -26.63 28.12 -18.10
CA ALA D 68 -26.98 28.57 -19.46
C ALA D 68 -28.47 28.51 -19.73
N ALA D 69 -28.96 29.37 -20.65
CA ALA D 69 -30.27 29.16 -21.23
C ALA D 69 -30.12 28.26 -22.49
N GLN D 70 -31.18 27.54 -22.84
CA GLN D 70 -31.22 26.66 -24.04
C GLN D 70 -31.47 27.34 -25.41
N ASP D 71 -31.72 28.65 -25.38
CA ASP D 71 -32.02 29.46 -26.59
C ASP D 71 -32.00 30.87 -26.13
N SER D 72 -32.00 31.81 -27.08
CA SER D 72 -31.99 33.24 -26.83
C SER D 72 -32.60 33.93 -28.05
N SER D 73 -33.41 34.98 -27.86
CA SER D 73 -34.20 35.55 -28.93
C SER D 73 -33.37 36.28 -30.00
N THR D 74 -33.90 36.29 -31.24
CA THR D 74 -33.43 37.25 -32.25
C THR D 74 -33.62 38.69 -31.81
N GLN D 75 -34.56 38.93 -30.90
CA GLN D 75 -34.88 40.27 -30.41
C GLN D 75 -33.96 40.55 -29.25
N GLN D 76 -33.12 41.57 -29.41
CA GLN D 76 -31.95 41.73 -28.54
C GLN D 76 -32.24 42.25 -27.17
N ALA D 77 -33.19 43.17 -27.04
CA ALA D 77 -33.35 43.96 -25.81
C ALA D 77 -34.75 43.69 -25.21
N TYR D 78 -35.34 44.64 -24.45
CA TYR D 78 -36.63 44.49 -23.88
C TYR D 78 -37.70 45.06 -24.84
N GLY D 79 -38.88 44.42 -24.85
CA GLY D 79 -39.99 44.96 -25.57
C GLY D 79 -41.10 43.97 -25.84
N ALA D 80 -41.85 44.18 -26.93
CA ALA D 80 -43.13 43.50 -27.10
C ALA D 80 -42.94 42.16 -27.88
N PHE D 81 -42.29 41.20 -27.20
CA PHE D 81 -41.92 39.96 -27.81
C PHE D 81 -42.44 38.80 -26.93
N THR D 82 -43.74 38.57 -27.04
CA THR D 82 -44.42 37.56 -26.22
C THR D 82 -43.78 36.18 -26.35
N GLY D 83 -43.40 35.59 -25.21
CA GLY D 83 -42.80 34.27 -25.15
C GLY D 83 -41.35 34.13 -25.50
N GLU D 84 -40.69 35.26 -25.70
CA GLU D 84 -39.24 35.33 -26.01
C GLU D 84 -38.44 35.79 -24.82
N LEU D 85 -37.27 35.18 -24.63
CA LEU D 85 -36.24 35.65 -23.67
C LEU D 85 -35.10 36.30 -24.44
N SER D 86 -34.98 37.60 -24.32
CA SER D 86 -33.94 38.34 -24.99
C SER D 86 -32.55 38.15 -24.33
N PRO D 87 -31.47 38.29 -25.13
CA PRO D 87 -30.15 38.16 -24.53
C PRO D 87 -29.89 39.19 -23.45
N LYS D 88 -30.47 40.37 -23.61
CA LYS D 88 -30.31 41.41 -22.59
C LYS D 88 -30.92 40.97 -21.27
N MSE D 89 -32.12 40.39 -21.34
CA MSE D 89 -32.79 39.90 -20.13
C MSE D 89 -31.95 38.79 -19.44
O MSE D 89 -31.81 38.73 -18.20
CB MSE D 89 -34.18 39.32 -20.52
CG MSE D 89 -34.93 38.83 -19.31
SE MSE D 89 -36.60 37.95 -19.99
CE MSE D 89 -37.67 39.57 -20.23
N ILE D 90 -31.47 37.88 -20.27
CA ILE D 90 -30.73 36.69 -19.80
C ILE D 90 -29.45 37.22 -19.10
N LYS D 91 -28.74 38.13 -19.73
CA LYS D 91 -27.51 38.67 -19.17
C LYS D 91 -27.78 39.40 -17.83
N GLU D 92 -28.83 40.25 -17.79
CA GLU D 92 -29.15 40.97 -16.59
C GLU D 92 -29.64 40.06 -15.44
N LYS D 93 -30.12 38.87 -15.76
CA LYS D 93 -30.44 37.86 -14.75
C LYS D 93 -29.16 37.07 -14.32
N ASN D 94 -27.99 37.53 -14.75
CA ASN D 94 -26.66 36.90 -14.42
C ASN D 94 -26.45 35.49 -14.94
N ILE D 95 -27.05 35.19 -16.07
CA ILE D 95 -26.87 33.94 -16.77
C ILE D 95 -25.75 34.19 -17.80
N PRO D 96 -24.58 33.51 -17.68
CA PRO D 96 -23.48 33.88 -18.57
C PRO D 96 -23.45 33.21 -19.93
N TRP D 97 -24.22 32.11 -20.14
CA TRP D 97 -24.15 31.33 -21.33
C TRP D 97 -25.50 31.09 -21.97
N VAL D 98 -25.49 30.97 -23.31
CA VAL D 98 -26.63 30.47 -24.05
C VAL D 98 -26.24 29.40 -25.07
N VAL D 99 -27.12 28.42 -25.29
CA VAL D 99 -27.01 27.46 -26.36
C VAL D 99 -27.80 27.95 -27.56
N LEU D 100 -27.18 28.01 -28.74
CA LEU D 100 -27.83 28.55 -29.96
C LEU D 100 -27.65 27.63 -31.12
N GLY D 101 -28.70 27.52 -31.91
CA GLY D 101 -28.68 26.67 -33.08
C GLY D 101 -28.63 25.16 -32.92
N HIS D 102 -29.11 24.66 -31.80
CA HIS D 102 -29.32 23.25 -31.63
C HIS D 102 -30.10 22.68 -32.79
N SER D 103 -29.74 21.49 -33.23
CA SER D 103 -30.44 20.92 -34.41
C SER D 103 -31.93 20.73 -34.19
N GLU D 104 -32.34 20.47 -32.95
CA GLU D 104 -33.77 20.39 -32.64
C GLU D 104 -34.50 21.73 -32.98
N ARG D 105 -33.86 22.86 -32.72
CA ARG D 105 -34.44 24.17 -32.96
C ARG D 105 -34.27 24.56 -34.48
N ARG D 106 -33.19 24.11 -35.12
CA ARG D 106 -33.03 24.33 -36.58
C ARG D 106 -34.11 23.55 -37.31
N ALA D 107 -34.52 22.38 -36.82
CA ALA D 107 -35.57 21.59 -37.49
C ALA D 107 -36.96 22.14 -37.25
N GLY D 108 -37.20 22.69 -36.10
CA GLY D 108 -38.51 23.25 -35.73
C GLY D 108 -39.40 22.20 -35.09
N PHE D 109 -40.51 22.67 -34.53
CA PHE D 109 -41.42 21.82 -33.76
C PHE D 109 -42.88 21.91 -34.20
N GLY D 110 -43.50 20.76 -34.33
CA GLY D 110 -44.98 20.67 -34.49
C GLY D 110 -45.52 21.28 -35.73
N GLY D 111 -44.70 21.35 -36.79
CA GLY D 111 -45.12 21.97 -38.06
C GLY D 111 -44.69 23.44 -38.20
N GLN D 112 -44.19 24.06 -37.15
CA GLN D 112 -43.69 25.44 -37.28
C GLN D 112 -42.27 25.32 -37.89
N PRO D 113 -41.96 26.09 -38.93
CA PRO D 113 -40.61 26.08 -39.43
C PRO D 113 -39.57 26.41 -38.34
N GLY D 114 -38.41 25.79 -38.45
CA GLY D 114 -37.29 26.02 -37.54
C GLY D 114 -36.44 27.22 -37.95
N GLU D 115 -35.31 27.34 -37.26
CA GLU D 115 -34.37 28.43 -37.41
C GLU D 115 -33.44 28.17 -38.58
N SER D 116 -33.43 29.07 -39.56
CA SER D 116 -32.45 29.04 -40.63
C SER D 116 -31.01 29.39 -40.11
N ASN D 117 -30.02 29.16 -40.99
CA ASN D 117 -28.65 29.56 -40.71
C ASN D 117 -28.62 31.04 -40.37
N GLN D 118 -29.39 31.83 -41.09
CA GLN D 118 -29.45 33.30 -40.90
C GLN D 118 -30.08 33.71 -39.59
N VAL D 119 -31.17 33.04 -39.19
CA VAL D 119 -31.78 33.27 -37.88
C VAL D 119 -30.86 32.94 -36.73
N VAL D 120 -30.18 31.77 -36.83
CA VAL D 120 -29.24 31.38 -35.80
C VAL D 120 -28.14 32.50 -35.68
N ALA D 121 -27.65 32.95 -36.82
CA ALA D 121 -26.62 33.95 -36.82
C ALA D 121 -27.06 35.27 -36.16
N LYS D 122 -28.31 35.67 -36.46
CA LYS D 122 -28.90 36.85 -35.80
C LYS D 122 -28.95 36.65 -34.29
N LYS D 123 -29.33 35.45 -33.83
CA LYS D 123 -29.33 35.18 -32.39
C LYS D 123 -27.93 35.29 -31.80
N VAL D 124 -26.94 34.74 -32.49
CA VAL D 124 -25.53 34.75 -32.02
C VAL D 124 -25.07 36.21 -31.84
N ARG D 125 -25.23 37.00 -32.88
CA ARG D 125 -24.83 38.41 -32.85
C ARG D 125 -25.48 39.17 -31.69
N ALA D 126 -26.79 38.98 -31.52
CA ALA D 126 -27.52 39.66 -30.45
C ALA D 126 -27.00 39.24 -29.06
N ALA D 127 -26.73 37.95 -28.91
CA ALA D 127 -26.22 37.42 -27.64
C ALA D 127 -24.83 37.98 -27.31
N LEU D 128 -23.93 37.94 -28.30
CA LEU D 128 -22.56 38.47 -28.10
C LEU D 128 -22.59 39.98 -27.85
N ASN D 129 -23.45 40.72 -28.55
CA ASN D 129 -23.63 42.17 -28.29
C ASN D 129 -23.98 42.44 -26.84
N GLU D 130 -24.73 41.56 -26.19
CA GLU D 130 -25.11 41.78 -24.80
C GLU D 130 -24.17 41.12 -23.78
N GLY D 131 -22.97 40.74 -24.21
CA GLY D 131 -21.96 40.19 -23.30
C GLY D 131 -22.12 38.74 -22.93
N LEU D 132 -22.99 37.97 -23.60
CA LEU D 132 -23.10 36.54 -23.31
C LEU D 132 -21.97 35.75 -23.98
N SER D 133 -21.68 34.57 -23.43
CA SER D 133 -20.95 33.51 -24.17
C SER D 133 -21.95 32.53 -24.82
N VAL D 134 -21.56 31.94 -25.94
CA VAL D 134 -22.47 31.17 -26.78
C VAL D 134 -21.90 29.77 -27.06
N ILE D 135 -22.71 28.74 -26.82
CA ILE D 135 -22.44 27.41 -27.32
C ILE D 135 -23.16 27.32 -28.66
N LEU D 136 -22.40 27.45 -29.74
CA LEU D 136 -22.94 27.43 -31.09
C LEU D 136 -22.96 26.01 -31.65
N CYS D 137 -24.16 25.48 -31.91
CA CYS D 137 -24.35 24.11 -32.37
C CYS D 137 -24.39 24.05 -33.92
N ILE D 138 -23.67 23.11 -34.49
CA ILE D 138 -23.65 22.86 -35.95
C ILE D 138 -23.69 21.34 -36.17
N GLY D 139 -24.06 20.90 -37.34
CA GLY D 139 -24.06 19.45 -37.58
C GLY D 139 -24.81 19.06 -38.83
N GLU D 140 -24.38 17.94 -39.43
CA GLU D 140 -24.98 17.43 -40.65
C GLU D 140 -25.94 16.28 -40.39
N THR D 141 -26.83 16.04 -41.36
CA THR D 141 -27.76 14.93 -41.33
C THR D 141 -27.08 13.67 -41.84
N LEU D 142 -27.74 12.53 -41.64
CA LEU D 142 -27.19 11.26 -42.11
C LEU D 142 -27.05 11.33 -43.64
N GLU D 143 -28.08 11.81 -44.32
CA GLU D 143 -28.02 11.93 -45.77
C GLU D 143 -26.88 12.83 -46.24
N GLU D 144 -26.69 13.97 -45.57
CA GLU D 144 -25.58 14.88 -45.89
C GLU D 144 -24.24 14.22 -45.69
N ARG D 145 -24.09 13.46 -44.61
CA ARG D 145 -22.84 12.73 -44.32
C ARG D 145 -22.52 11.76 -45.43
N GLU D 146 -23.49 10.90 -45.76
CA GLU D 146 -23.31 9.82 -46.72
C GLU D 146 -23.15 10.30 -48.15
N SER D 147 -23.65 11.46 -48.48
CA SER D 147 -23.47 12.02 -49.84
C SER D 147 -22.24 13.00 -49.94
N GLY D 148 -21.35 12.99 -48.94
CA GLY D 148 -20.13 13.80 -48.97
C GLY D 148 -20.29 15.30 -48.73
N GLN D 149 -21.39 15.74 -48.11
CA GLN D 149 -21.66 17.19 -47.95
C GLN D 149 -21.29 17.75 -46.55
N THR D 150 -20.69 16.95 -45.66
CA THR D 150 -20.47 17.42 -44.26
C THR D 150 -19.71 18.76 -44.23
N GLN D 151 -18.59 18.83 -44.95
CA GLN D 151 -17.79 20.08 -44.90
C GLN D 151 -18.55 21.27 -45.49
N LYS D 152 -19.28 21.05 -46.57
CA LYS D 152 -20.08 22.12 -47.22
C LYS D 152 -21.13 22.64 -46.22
N VAL D 153 -21.85 21.72 -45.59
CA VAL D 153 -22.91 22.06 -44.66
C VAL D 153 -22.39 22.79 -43.42
N LEU D 154 -21.37 22.26 -42.83
CA LEU D 154 -20.80 22.89 -41.61
C LEU D 154 -20.22 24.29 -41.96
N SER D 155 -19.57 24.42 -43.10
CA SER D 155 -19.03 25.72 -43.51
C SER D 155 -20.14 26.75 -43.68
N GLU D 156 -21.28 26.35 -44.29
N GLU D 156 -21.27 26.40 -44.30
CA GLU D 156 -22.43 27.24 -44.47
CA GLU D 156 -22.33 27.40 -44.45
C GLU D 156 -22.98 27.70 -43.13
C GLU D 156 -23.05 27.73 -43.13
N GLN D 157 -23.13 26.77 -42.19
CA GLN D 157 -23.64 27.11 -40.84
C GLN D 157 -22.73 28.09 -40.11
N LEU D 158 -21.43 27.84 -40.16
CA LEU D 158 -20.45 28.74 -39.54
C LEU D 158 -20.30 30.08 -40.27
N GLU D 159 -20.28 30.05 -41.61
CA GLU D 159 -20.16 31.27 -42.39
C GLU D 159 -21.32 32.24 -42.18
N ALA D 160 -22.55 31.74 -42.02
CA ALA D 160 -23.70 32.61 -41.71
C ALA D 160 -23.42 33.36 -40.42
N VAL D 161 -22.88 32.68 -39.43
CA VAL D 161 -22.52 33.36 -38.17
C VAL D 161 -21.42 34.39 -38.37
N ARG D 162 -20.39 34.04 -39.14
CA ARG D 162 -19.33 35.01 -39.44
C ARG D 162 -19.82 36.29 -40.17
N GLN D 163 -20.79 36.14 -41.06
CA GLN D 163 -21.38 37.32 -41.75
C GLN D 163 -22.06 38.27 -40.78
N ALA D 164 -22.70 37.74 -39.76
CA ALA D 164 -23.30 38.53 -38.69
C ALA D 164 -22.28 38.98 -37.62
N VAL D 165 -21.21 38.22 -37.42
CA VAL D 165 -20.18 38.50 -36.44
C VAL D 165 -18.81 38.49 -37.16
N PRO D 166 -18.52 39.51 -37.97
CA PRO D 166 -17.27 39.47 -38.71
C PRO D 166 -16.02 39.79 -37.90
N GLU D 167 -16.16 40.37 -36.72
CA GLU D 167 -14.98 40.76 -35.92
C GLU D 167 -14.43 39.56 -35.19
N ALA D 168 -13.17 39.26 -35.40
CA ALA D 168 -12.55 38.06 -34.85
C ALA D 168 -12.51 38.13 -33.30
N ASP D 169 -12.34 39.33 -32.71
CA ASP D 169 -12.32 39.41 -31.23
C ASP D 169 -13.61 38.85 -30.56
N ALA D 170 -14.73 39.02 -31.20
CA ALA D 170 -16.04 38.58 -30.64
C ALA D 170 -16.10 37.04 -30.51
N TRP D 171 -15.37 36.34 -31.36
CA TRP D 171 -15.27 34.90 -31.34
C TRP D 171 -14.62 34.32 -30.07
N LYS D 172 -13.97 35.15 -29.26
CA LYS D 172 -13.46 34.72 -27.95
C LYS D 172 -14.51 34.05 -27.05
N SER D 173 -15.76 34.47 -27.17
CA SER D 173 -16.82 34.00 -26.31
C SER D 173 -17.70 32.94 -26.99
N ILE D 174 -17.20 32.28 -28.06
CA ILE D 174 -17.86 31.17 -28.73
C ILE D 174 -17.16 29.87 -28.43
N VAL D 175 -17.98 28.85 -28.14
CA VAL D 175 -17.56 27.43 -28.10
C VAL D 175 -18.43 26.77 -29.17
N ILE D 176 -17.83 26.00 -30.05
CA ILE D 176 -18.59 25.35 -31.09
C ILE D 176 -18.91 23.90 -30.65
N ALA D 177 -20.19 23.50 -30.75
CA ALA D 177 -20.59 22.15 -30.51
C ALA D 177 -20.91 21.45 -31.83
N TYR D 178 -20.12 20.46 -32.19
CA TYR D 178 -20.38 19.65 -33.34
C TYR D 178 -21.23 18.48 -32.91
N GLU D 179 -22.48 18.44 -33.36
CA GLU D 179 -23.39 17.31 -33.08
C GLU D 179 -23.95 16.76 -34.39
N PRO D 180 -23.39 15.68 -34.90
CA PRO D 180 -24.05 15.10 -36.05
C PRO D 180 -25.48 14.71 -35.73
N VAL D 181 -26.41 15.08 -36.61
CA VAL D 181 -27.84 14.87 -36.29
C VAL D 181 -28.14 13.39 -36.09
N TRP D 182 -27.48 12.54 -36.88
CA TRP D 182 -27.61 11.11 -36.81
C TRP D 182 -27.12 10.48 -35.50
N ALA D 183 -26.31 11.20 -34.71
CA ALA D 183 -25.89 10.77 -33.38
C ALA D 183 -26.77 11.22 -32.21
N ILE D 184 -27.71 12.11 -32.44
CA ILE D 184 -28.51 12.69 -31.36
C ILE D 184 -29.72 11.76 -31.04
N GLY D 185 -29.72 11.22 -29.84
CA GLY D 185 -30.84 10.41 -29.36
C GLY D 185 -30.92 9.01 -29.94
N THR D 186 -29.95 8.61 -30.78
CA THR D 186 -30.02 7.35 -31.50
C THR D 186 -29.16 6.28 -30.90
N GLY D 187 -28.25 6.66 -29.99
CA GLY D 187 -27.19 5.72 -29.55
C GLY D 187 -26.03 5.55 -30.54
N LYS D 188 -26.07 6.19 -31.72
CA LYS D 188 -25.04 6.01 -32.72
C LYS D 188 -23.96 7.08 -32.52
N THR D 189 -23.14 6.93 -31.46
CA THR D 189 -22.03 7.84 -31.19
C THR D 189 -21.06 7.84 -32.33
N ALA D 190 -20.60 9.00 -32.79
CA ALA D 190 -19.50 9.04 -33.75
C ALA D 190 -18.30 8.22 -33.24
N THR D 191 -17.59 7.58 -34.18
CA THR D 191 -16.27 7.01 -33.85
C THR D 191 -15.34 8.14 -33.40
N ALA D 192 -14.35 7.78 -32.60
CA ALA D 192 -13.34 8.78 -32.18
C ALA D 192 -12.63 9.35 -33.39
N ALA D 193 -12.36 8.51 -34.41
CA ALA D 193 -11.72 8.95 -35.65
C ALA D 193 -12.58 9.96 -36.42
N LEU D 194 -13.87 9.69 -36.62
CA LEU D 194 -14.78 10.62 -37.35
C LEU D 194 -14.90 11.97 -36.64
N ALA D 195 -15.03 11.93 -35.32
CA ALA D 195 -15.14 13.15 -34.56
C ALA D 195 -13.88 13.98 -34.68
N GLN D 196 -12.73 13.38 -34.47
CA GLN D 196 -11.46 14.10 -34.54
C GLN D 196 -11.27 14.69 -35.96
N GLU D 197 -11.53 13.92 -37.01
CA GLU D 197 -11.41 14.40 -38.37
C GLU D 197 -12.30 15.63 -38.65
N THR D 198 -13.56 15.56 -38.23
CA THR D 198 -14.49 16.67 -38.49
C THR D 198 -14.15 17.86 -37.67
N HIS D 199 -13.75 17.64 -36.41
CA HIS D 199 -13.33 18.77 -35.59
C HIS D 199 -12.12 19.50 -36.18
N ARG D 200 -11.19 18.76 -36.75
CA ARG D 200 -10.04 19.37 -37.42
C ARG D 200 -10.47 20.18 -38.68
N ASP D 201 -11.46 19.70 -39.43
CA ASP D 201 -12.03 20.45 -40.54
C ASP D 201 -12.67 21.75 -40.08
N ILE D 202 -13.38 21.69 -38.96
CA ILE D 202 -14.01 22.86 -38.37
C ILE D 202 -12.90 23.86 -37.96
N ARG D 203 -11.83 23.37 -37.36
CA ARG D 203 -10.74 24.25 -36.89
C ARG D 203 -9.98 24.86 -38.08
N ASN D 204 -9.85 24.12 -39.19
CA ASN D 204 -9.24 24.66 -40.40
C ASN D 204 -10.14 25.72 -40.99
N TRP D 205 -11.45 25.53 -40.89
CA TRP D 205 -12.39 26.58 -41.31
C TRP D 205 -12.15 27.88 -40.51
N LEU D 206 -12.05 27.79 -39.17
CA LEU D 206 -11.79 28.97 -38.35
C LEU D 206 -10.52 29.67 -38.76
N ALA D 207 -9.47 28.90 -39.04
CA ALA D 207 -8.17 29.46 -39.36
C ALA D 207 -8.19 30.25 -40.67
N GLN D 208 -8.87 29.73 -41.68
CA GLN D 208 -8.94 30.36 -43.03
C GLN D 208 -9.97 31.48 -43.06
N ALA D 209 -11.13 31.33 -42.43
CA ALA D 209 -12.24 32.31 -42.53
C ALA D 209 -12.15 33.41 -41.48
N VAL D 210 -11.66 33.09 -40.27
CA VAL D 210 -11.65 34.03 -39.18
C VAL D 210 -10.17 34.43 -38.91
N SER D 211 -9.41 33.60 -38.19
CA SER D 211 -7.95 33.81 -38.05
C SER D 211 -7.29 32.58 -37.43
N PRO D 212 -5.98 32.40 -37.66
CA PRO D 212 -5.26 31.35 -36.90
C PRO D 212 -5.39 31.45 -35.35
N LYS D 213 -5.43 32.66 -34.82
CA LYS D 213 -5.60 32.83 -33.37
C LYS D 213 -6.94 32.28 -32.87
N VAL D 214 -8.03 32.62 -33.59
CA VAL D 214 -9.36 32.15 -33.23
C VAL D 214 -9.38 30.65 -33.36
N ALA D 215 -8.73 30.10 -34.39
CA ALA D 215 -8.70 28.64 -34.58
C ALA D 215 -8.05 27.93 -33.39
N GLU D 216 -6.94 28.46 -32.89
CA GLU D 216 -6.24 27.87 -31.77
C GLU D 216 -6.96 27.98 -30.43
N ALA D 217 -7.71 29.06 -30.21
CA ALA D 217 -8.35 29.29 -28.93
C ALA D 217 -9.75 28.70 -28.81
N THR D 218 -10.46 28.49 -29.93
CA THR D 218 -11.89 28.16 -29.84
C THR D 218 -12.05 26.69 -29.40
N ARG D 219 -12.75 26.43 -28.30
CA ARG D 219 -13.12 25.05 -27.99
C ARG D 219 -14.13 24.50 -29.02
N VAL D 220 -13.84 23.31 -29.54
CA VAL D 220 -14.78 22.57 -30.40
C VAL D 220 -15.13 21.30 -29.65
N ILE D 221 -16.41 21.18 -29.24
CA ILE D 221 -16.87 20.09 -28.40
C ILE D 221 -17.80 19.16 -29.19
N TYR D 222 -17.75 17.86 -28.84
CA TYR D 222 -18.54 16.86 -29.55
C TYR D 222 -19.85 16.55 -28.77
N GLY D 223 -20.97 16.40 -29.49
CA GLY D 223 -22.17 15.84 -28.84
C GLY D 223 -22.87 14.89 -29.76
N GLY D 224 -23.75 14.07 -29.19
CA GLY D 224 -24.45 13.00 -29.95
C GLY D 224 -24.14 11.68 -29.33
N SER D 225 -24.99 11.27 -28.40
CA SER D 225 -24.88 10.04 -27.71
C SER D 225 -23.57 9.90 -26.92
N VAL D 226 -23.19 10.96 -26.22
CA VAL D 226 -22.02 10.93 -25.37
C VAL D 226 -22.39 10.25 -24.06
N LYS D 227 -21.53 9.34 -23.60
CA LYS D 227 -21.71 8.63 -22.34
C LYS D 227 -20.36 8.54 -21.59
N GLY D 228 -20.44 8.32 -20.29
CA GLY D 228 -19.23 8.08 -19.50
C GLY D 228 -18.35 7.00 -20.08
N SER D 229 -18.95 5.96 -20.67
CA SER D 229 -18.23 4.81 -21.19
C SER D 229 -17.52 5.06 -22.55
N ASN D 230 -17.91 6.11 -23.28
CA ASN D 230 -17.25 6.46 -24.58
C ASN D 230 -16.45 7.79 -24.61
N ALA D 231 -16.53 8.58 -23.54
CA ALA D 231 -15.96 9.96 -23.54
C ALA D 231 -14.42 9.99 -23.55
N LYS D 232 -13.81 9.10 -22.78
CA LYS D 232 -12.35 9.05 -22.75
C LYS D 232 -11.74 8.78 -24.10
N GLU D 233 -12.26 7.83 -24.84
CA GLU D 233 -11.71 7.56 -26.19
C GLU D 233 -11.95 8.76 -27.11
N LEU D 234 -13.13 9.33 -27.07
CA LEU D 234 -13.44 10.53 -27.89
C LEU D 234 -12.45 11.68 -27.63
N PHE D 235 -12.10 11.87 -26.36
CA PHE D 235 -11.22 12.96 -25.93
C PHE D 235 -9.75 12.82 -26.28
N GLU D 236 -9.33 11.62 -26.74
CA GLU D 236 -7.99 11.44 -27.22
C GLU D 236 -7.74 12.30 -28.49
N GLY D 237 -8.76 12.70 -29.24
CA GLY D 237 -8.54 13.55 -30.35
C GLY D 237 -7.99 14.95 -29.93
N GLU D 238 -6.91 15.37 -30.57
CA GLU D 238 -6.27 16.63 -30.32
C GLU D 238 -7.24 17.85 -30.57
N ASP D 239 -8.23 17.69 -31.46
CA ASP D 239 -9.20 18.75 -31.75
C ASP D 239 -10.56 18.60 -31.09
N VAL D 240 -10.68 17.59 -30.22
CA VAL D 240 -11.91 17.35 -29.45
C VAL D 240 -11.69 17.90 -28.08
N ASP D 241 -12.28 19.07 -27.78
CA ASP D 241 -11.96 19.84 -26.55
C ASP D 241 -12.93 19.60 -25.39
N GLY D 242 -13.86 18.68 -25.59
CA GLY D 242 -14.85 18.33 -24.58
C GLY D 242 -16.15 17.90 -25.25
N PHE D 243 -17.25 18.07 -24.53
CA PHE D 243 -18.50 17.47 -24.93
C PHE D 243 -19.73 18.35 -24.67
N LEU D 244 -20.74 18.19 -25.53
CA LEU D 244 -22.09 18.68 -25.24
C LEU D 244 -22.96 17.45 -24.99
N VAL D 245 -23.45 17.33 -23.78
CA VAL D 245 -24.09 16.12 -23.27
C VAL D 245 -25.58 16.35 -23.20
N GLY D 246 -26.35 15.46 -23.79
CA GLY D 246 -27.80 15.53 -23.77
C GLY D 246 -28.36 14.65 -22.65
N GLY D 247 -28.93 13.46 -23.03
CA GLY D 247 -29.56 12.57 -22.07
C GLY D 247 -28.71 12.24 -20.81
N ALA D 248 -27.41 12.03 -21.01
CA ALA D 248 -26.54 11.73 -19.83
C ALA D 248 -26.36 12.88 -18.88
N SER D 249 -26.78 14.11 -19.26
CA SER D 249 -26.69 15.26 -18.34
C SER D 249 -27.69 15.18 -17.19
N LEU D 250 -28.67 14.29 -17.30
CA LEU D 250 -29.74 14.11 -16.30
C LEU D 250 -29.43 13.09 -15.23
N THR D 251 -28.26 12.44 -15.32
CA THR D 251 -27.87 11.35 -14.38
C THR D 251 -26.47 11.54 -13.91
N GLY D 252 -26.06 10.67 -12.98
CA GLY D 252 -24.68 10.62 -12.47
C GLY D 252 -23.62 10.37 -13.53
N ASP D 253 -24.01 9.84 -14.68
CA ASP D 253 -23.09 9.64 -15.80
C ASP D 253 -22.42 10.96 -16.24
N PHE D 254 -23.10 12.09 -16.05
CA PHE D 254 -22.56 13.39 -16.34
C PHE D 254 -21.25 13.64 -15.63
N VAL D 255 -21.13 13.23 -14.41
CA VAL D 255 -19.87 13.40 -13.64
C VAL D 255 -18.71 12.57 -14.25
N SER D 256 -19.00 11.35 -14.74
CA SER D 256 -17.97 10.60 -15.46
C SER D 256 -17.51 11.33 -16.75
N ILE D 257 -18.44 12.03 -17.42
CA ILE D 257 -18.08 12.73 -18.65
C ILE D 257 -17.17 13.92 -18.35
N ILE D 258 -17.48 14.65 -17.29
CA ILE D 258 -16.62 15.75 -16.83
C ILE D 258 -15.20 15.27 -16.55
N ASP D 259 -15.11 14.16 -15.81
CA ASP D 259 -13.83 13.54 -15.49
C ASP D 259 -13.04 13.13 -16.75
N ALA D 260 -13.71 12.73 -17.83
CA ALA D 260 -13.01 12.40 -19.07
C ALA D 260 -12.36 13.57 -19.78
N ALA D 261 -12.89 14.79 -19.61
CA ALA D 261 -12.37 15.97 -20.28
C ALA D 261 -11.20 16.67 -19.51
N LYS D 262 -10.51 15.98 -18.61
CA LYS D 262 -9.52 16.66 -17.71
C LYS D 262 -8.37 17.18 -18.54
S SO4 E . -0.89 -6.88 45.99
O1 SO4 E . -1.30 -8.09 45.31
O2 SO4 E . -1.75 -5.73 45.74
O3 SO4 E . 0.41 -6.57 45.36
O4 SO4 E . -0.55 -6.99 47.43
S SO4 F . 33.80 -11.98 42.38
O1 SO4 F . 32.94 -10.84 41.97
O2 SO4 F . 33.97 -12.87 41.21
O3 SO4 F . 35.11 -11.40 42.76
O4 SO4 F . 33.22 -12.70 43.54
CL CL G . 4.35 -8.27 43.66
S SO4 H . -2.46 9.27 -3.19
O1 SO4 H . -1.31 8.86 -4.00
O2 SO4 H . -3.63 9.62 -4.01
O3 SO4 H . -2.09 10.50 -2.51
O4 SO4 H . -2.83 8.17 -2.30
CL CL I . -2.19 3.80 -1.36
S SO4 J . 13.54 -27.62 -13.42
O1 SO4 J . 12.45 -28.00 -14.33
O2 SO4 J . 14.35 -26.62 -14.11
O3 SO4 J . 13.07 -27.16 -12.13
O4 SO4 J . 14.44 -28.73 -13.22
CL CL K . 13.60 -22.13 -15.09
S SO4 L . -27.85 12.31 -26.46
O1 SO4 L . -29.10 12.65 -25.77
O2 SO4 L . -27.94 11.98 -27.89
O3 SO4 L . -27.08 13.58 -26.45
O4 SO4 L . -27.08 11.34 -25.67
CL CL M . -27.20 18.27 -26.73
#